data_3RFX
#
_entry.id   3RFX
#
_cell.length_a   165.540
_cell.length_b   165.540
_cell.length_c   174.090
_cell.angle_alpha   90.00
_cell.angle_beta   90.00
_cell.angle_gamma   120.00
#
_symmetry.space_group_name_H-M   'P 62 2 2'
#
loop_
_entity.id
_entity.type
_entity.pdbx_description
1 polymer 'Uronate dehydrogenase'
2 non-polymer NICOTINAMIDE-ADENINE-DINUCLEOTIDE
3 non-polymer 'PHOSPHATE ION'
4 water water
#
_entity_poly.entity_id   1
_entity_poly.type   'polypeptide(L)'
_entity_poly.pdbx_seq_one_letter_code
;MAMKRLLVTGAAGQLGRVMRERLAPMAEILRLADLSPLDPAGPNEECVQCDLADANAVNAMVAGCDGIVHLGGISVEKPF
EQILQGNIIGLYNLYEAARAHGQPRIVFASSNHTIGYYPQTERLGPDVPARPDGLAGVSKCFGENLARMYFDKFGQETAL
VRIGSCTPEPNNYRMLSTWFSHDDFVSLIEAVFRAPVLGCPVVWGASANDAGWWDNSHLGFLGWKPKDNAEAFRRHITET
TPPPDPNDALVRFQGGTFVDNPIFKQS
;
_entity_poly.pdbx_strand_id   A,B,C
#
# COMPACT_ATOMS: atom_id res chain seq x y z
N ALA A 2 -25.15 21.54 -2.50
CA ALA A 2 -23.98 20.93 -1.88
C ALA A 2 -23.77 21.37 -0.43
N MET A 3 -24.28 22.55 -0.08
CA MET A 3 -24.15 23.07 1.28
C MET A 3 -25.00 24.32 1.51
N LYS A 4 -25.23 24.67 2.76
CA LYS A 4 -26.06 25.85 3.05
C LYS A 4 -25.35 27.16 2.74
N ARG A 5 -24.12 27.31 3.21
CA ARG A 5 -23.37 28.54 3.00
C ARG A 5 -21.91 28.29 2.66
N LEU A 6 -21.48 28.85 1.52
CA LEU A 6 -20.10 28.77 1.10
C LEU A 6 -19.48 30.15 1.16
N LEU A 7 -18.33 30.26 1.82
CA LEU A 7 -17.57 31.51 1.85
C LEU A 7 -16.56 31.57 0.69
N VAL A 8 -16.55 32.68 -0.04
CA VAL A 8 -15.47 32.96 -0.99
C VAL A 8 -14.76 34.25 -0.58
N THR A 9 -13.50 34.13 -0.16
CA THR A 9 -12.70 35.31 0.17
C THR A 9 -12.02 35.83 -1.10
N GLY A 10 -11.47 37.04 -1.04
CA GLY A 10 -10.88 37.68 -2.21
C GLY A 10 -11.87 37.85 -3.36
N ALA A 11 -13.15 38.01 -3.01
CA ALA A 11 -14.22 37.96 -4.00
C ALA A 11 -14.29 39.17 -4.95
N ALA A 12 -13.52 40.21 -4.66
CA ALA A 12 -13.49 41.38 -5.54
C ALA A 12 -12.37 41.26 -6.55
N GLY A 13 -11.50 40.27 -6.35
CA GLY A 13 -10.35 40.08 -7.22
C GLY A 13 -10.76 39.41 -8.51
N GLN A 14 -9.79 39.16 -9.39
CA GLN A 14 -10.11 38.60 -10.69
C GLN A 14 -10.69 37.18 -10.60
N LEU A 15 -10.06 36.30 -9.85
CA LEU A 15 -10.58 34.94 -9.69
C LEU A 15 -11.87 34.94 -8.85
N GLY A 16 -11.91 35.80 -7.84
CA GLY A 16 -13.08 35.94 -6.99
C GLY A 16 -14.34 36.31 -7.74
N ARG A 17 -14.23 37.23 -8.70
CA ARG A 17 -15.38 37.64 -9.51
C ARG A 17 -15.90 36.47 -10.34
N VAL A 18 -14.97 35.68 -10.87
CA VAL A 18 -15.34 34.46 -11.59
C VAL A 18 -16.06 33.46 -10.68
N MET A 19 -15.51 33.23 -9.49
CA MET A 19 -16.06 32.21 -8.61
C MET A 19 -17.41 32.67 -8.00
N ARG A 20 -17.55 33.97 -7.79
CA ARG A 20 -18.83 34.51 -7.34
C ARG A 20 -19.97 34.05 -8.25
N GLU A 21 -19.71 34.00 -9.56
CA GLU A 21 -20.70 33.50 -10.50
C GLU A 21 -20.71 31.97 -10.59
N ARG A 22 -19.54 31.37 -10.75
CA ARG A 22 -19.44 29.95 -11.07
C ARG A 22 -19.78 29.01 -9.91
N LEU A 23 -19.53 29.44 -8.68
CA LEU A 23 -19.78 28.59 -7.50
C LEU A 23 -21.16 28.77 -6.87
N ALA A 24 -21.95 29.66 -7.45
CA ALA A 24 -23.30 29.93 -6.95
C ALA A 24 -24.14 28.65 -6.76
N PRO A 25 -24.12 27.74 -7.75
CA PRO A 25 -24.90 26.50 -7.65
C PRO A 25 -24.48 25.55 -6.53
N MET A 26 -23.34 25.81 -5.88
CA MET A 26 -22.82 24.90 -4.87
C MET A 26 -23.45 25.08 -3.49
N ALA A 27 -24.09 26.21 -3.25
CA ALA A 27 -24.64 26.50 -1.93
C ALA A 27 -25.92 27.32 -2.01
N GLU A 28 -26.78 27.16 -1.01
CA GLU A 28 -28.00 27.94 -0.94
C GLU A 28 -27.66 29.42 -0.82
N ILE A 29 -26.64 29.72 -0.02
CA ILE A 29 -26.17 31.07 0.17
C ILE A 29 -24.67 31.20 -0.11
N LEU A 30 -24.30 32.19 -0.90
CA LEU A 30 -22.89 32.46 -1.15
C LEU A 30 -22.50 33.71 -0.38
N ARG A 31 -21.54 33.57 0.53
CA ARG A 31 -21.01 34.73 1.23
C ARG A 31 -19.71 35.16 0.59
N LEU A 32 -19.68 36.39 0.10
CA LEU A 32 -18.51 36.97 -0.56
C LEU A 32 -17.82 37.94 0.38
N ALA A 33 -16.49 37.87 0.45
CA ALA A 33 -15.74 38.78 1.29
C ALA A 33 -14.51 39.33 0.57
N ASP A 34 -14.13 40.55 0.94
CA ASP A 34 -12.89 41.15 0.43
C ASP A 34 -12.58 42.39 1.27
N LEU A 35 -11.32 42.81 1.25
CA LEU A 35 -10.93 44.07 1.87
C LEU A 35 -11.51 45.22 1.05
N SER A 36 -11.61 45.00 -0.27
CA SER A 36 -12.13 45.99 -1.20
C SER A 36 -13.65 45.96 -1.27
N PRO A 37 -14.27 47.09 -1.67
CA PRO A 37 -15.72 47.15 -1.86
C PRO A 37 -16.19 46.09 -2.85
N LEU A 38 -17.32 45.47 -2.55
CA LEU A 38 -17.91 44.46 -3.41
C LEU A 38 -19.17 45.02 -4.07
N ASP A 39 -19.44 44.58 -5.29
CA ASP A 39 -20.75 44.85 -5.89
C ASP A 39 -21.79 44.30 -4.92
N PRO A 40 -22.90 45.04 -4.76
CA PRO A 40 -23.95 44.73 -3.77
C PRO A 40 -24.48 43.30 -3.89
N ALA A 41 -24.88 42.74 -2.76
CA ALA A 41 -25.42 41.38 -2.70
C ALA A 41 -26.74 41.24 -3.45
N GLY A 42 -26.84 40.22 -4.29
CA GLY A 42 -28.08 39.87 -4.93
C GLY A 42 -28.81 38.81 -4.14
N PRO A 43 -29.87 38.23 -4.73
CA PRO A 43 -30.56 37.11 -4.09
C PRO A 43 -29.57 35.98 -3.83
N ASN A 44 -29.65 35.38 -2.65
CA ASN A 44 -28.80 34.24 -2.30
C ASN A 44 -27.33 34.63 -2.10
N GLU A 45 -27.08 35.90 -1.85
CA GLU A 45 -25.72 36.37 -1.58
C GLU A 45 -25.65 37.16 -0.30
N GLU A 46 -24.51 37.08 0.38
CA GLU A 46 -24.19 37.96 1.47
C GLU A 46 -22.84 38.57 1.13
N CYS A 47 -22.68 39.87 1.36
CA CYS A 47 -21.40 40.51 1.08
C CYS A 47 -20.79 41.10 2.33
N VAL A 48 -19.50 40.87 2.51
CA VAL A 48 -18.82 41.28 3.72
C VAL A 48 -17.52 42.00 3.38
N GLN A 49 -17.24 43.08 4.10
CA GLN A 49 -15.99 43.81 3.91
C GLN A 49 -15.14 43.69 5.16
N CYS A 50 -13.96 43.09 5.01
CA CYS A 50 -13.04 43.02 6.14
C CYS A 50 -11.61 42.71 5.75
N ASP A 51 -10.69 43.14 6.59
CA ASP A 51 -9.28 42.87 6.46
C ASP A 51 -8.98 41.51 7.09
N LEU A 52 -8.30 40.64 6.36
CA LEU A 52 -7.89 39.32 6.89
C LEU A 52 -7.02 39.45 8.13
N ALA A 53 -6.39 40.61 8.29
CA ALA A 53 -5.50 40.83 9.41
C ALA A 53 -6.28 41.14 10.70
N ASP A 54 -7.58 41.32 10.56
CA ASP A 54 -8.46 41.69 11.68
C ASP A 54 -9.16 40.44 12.20
N ALA A 55 -8.66 39.89 13.31
CA ALA A 55 -9.11 38.60 13.83
C ALA A 55 -10.60 38.52 14.13
N ASN A 56 -11.13 39.54 14.81
CA ASN A 56 -12.55 39.57 15.12
C ASN A 56 -13.41 39.61 13.86
N ALA A 57 -12.98 40.40 12.88
CA ALA A 57 -13.73 40.46 11.63
C ALA A 57 -13.70 39.11 10.91
N VAL A 58 -12.52 38.48 10.89
CA VAL A 58 -12.40 37.16 10.24
C VAL A 58 -13.28 36.11 10.93
N ASN A 59 -13.27 36.10 12.25
CA ASN A 59 -14.18 35.23 12.99
C ASN A 59 -15.64 35.37 12.53
N ALA A 60 -16.12 36.61 12.44
CA ALA A 60 -17.48 36.87 11.98
C ALA A 60 -17.69 36.45 10.52
N MET A 61 -16.67 36.68 9.69
CA MET A 61 -16.72 36.30 8.28
C MET A 61 -16.95 34.80 8.13
N VAL A 62 -16.25 34.01 8.94
CA VAL A 62 -16.29 32.56 8.82
C VAL A 62 -17.52 31.92 9.47
N ALA A 63 -17.96 32.47 10.60
CA ALA A 63 -19.08 31.91 11.36
C ALA A 63 -20.30 31.66 10.49
N GLY A 64 -20.84 30.45 10.56
CA GLY A 64 -22.02 30.10 9.77
C GLY A 64 -21.75 29.53 8.39
N CYS A 65 -20.47 29.44 8.01
CA CYS A 65 -20.11 28.90 6.70
C CYS A 65 -19.73 27.42 6.77
N ASP A 66 -20.16 26.67 5.77
CA ASP A 66 -19.95 25.23 5.71
C ASP A 66 -18.72 24.87 4.87
N GLY A 67 -18.16 25.85 4.18
CA GLY A 67 -17.02 25.63 3.32
C GLY A 67 -16.38 26.97 2.99
N ILE A 68 -15.08 26.95 2.68
CA ILE A 68 -14.36 28.18 2.37
C ILE A 68 -13.51 27.99 1.12
N VAL A 69 -13.65 28.90 0.17
CA VAL A 69 -12.72 28.99 -0.94
C VAL A 69 -11.90 30.25 -0.68
N HIS A 70 -10.66 30.05 -0.25
CA HIS A 70 -9.84 31.16 0.21
C HIS A 70 -8.96 31.73 -0.91
N LEU A 71 -9.48 32.75 -1.59
CA LEU A 71 -8.76 33.40 -2.69
C LEU A 71 -8.12 34.72 -2.24
N GLY A 72 -8.54 35.19 -1.07
CA GLY A 72 -8.10 36.48 -0.56
C GLY A 72 -6.65 36.51 -0.10
N GLY A 73 -5.97 37.60 -0.41
CA GLY A 73 -4.58 37.74 -0.06
C GLY A 73 -3.77 38.37 -1.18
N ILE A 74 -2.46 38.28 -1.05
CA ILE A 74 -1.55 38.86 -2.04
C ILE A 74 -1.04 37.78 -2.99
N SER A 75 -1.26 37.99 -4.28
CA SER A 75 -1.00 36.99 -5.31
C SER A 75 0.27 37.29 -6.11
N VAL A 76 0.68 38.55 -6.10
CA VAL A 76 1.88 38.96 -6.83
C VAL A 76 2.93 39.45 -5.84
N GLU A 77 4.15 39.66 -6.33
CA GLU A 77 5.23 40.07 -5.44
C GLU A 77 5.00 41.50 -4.95
N LYS A 78 5.06 41.69 -3.64
CA LYS A 78 4.84 42.99 -3.02
C LYS A 78 5.78 43.12 -1.85
N PRO A 79 5.83 44.31 -1.23
CA PRO A 79 6.66 44.49 -0.04
C PRO A 79 6.18 43.59 1.10
N PHE A 80 7.11 43.26 2.00
CA PHE A 80 6.85 42.36 3.10
C PHE A 80 5.66 42.77 3.96
N GLU A 81 5.56 44.06 4.27
CA GLU A 81 4.48 44.53 5.15
C GLU A 81 3.10 44.10 4.67
N GLN A 82 2.84 44.24 3.38
CA GLN A 82 1.54 43.88 2.84
C GLN A 82 1.33 42.36 2.81
N ILE A 83 2.39 41.61 2.52
CA ILE A 83 2.33 40.15 2.48
C ILE A 83 2.07 39.62 3.89
N LEU A 84 2.79 40.17 4.84
CA LEU A 84 2.64 39.81 6.26
C LEU A 84 1.18 39.90 6.68
N GLN A 85 0.53 41.01 6.32
CA GLN A 85 -0.85 41.25 6.72
C GLN A 85 -1.86 40.29 6.06
N GLY A 86 -1.77 40.15 4.74
CA GLY A 86 -2.76 39.38 4.00
C GLY A 86 -2.55 37.87 4.00
N ASN A 87 -1.29 37.43 4.04
CA ASN A 87 -0.96 36.03 3.78
C ASN A 87 -0.40 35.29 4.98
N ILE A 88 0.04 36.04 5.99
CA ILE A 88 0.67 35.42 7.15
C ILE A 88 -0.26 35.58 8.36
N ILE A 89 -0.41 36.83 8.83
CA ILE A 89 -1.40 37.12 9.85
C ILE A 89 -2.79 36.71 9.40
N GLY A 90 -3.11 37.02 8.15
CA GLY A 90 -4.41 36.66 7.59
C GLY A 90 -4.70 35.18 7.61
N LEU A 91 -3.69 34.37 7.32
CA LEU A 91 -3.86 32.92 7.31
C LEU A 91 -4.08 32.39 8.72
N TYR A 92 -3.28 32.88 9.66
CA TYR A 92 -3.48 32.50 11.05
C TYR A 92 -4.93 32.80 11.48
N ASN A 93 -5.40 34.01 11.20
CA ASN A 93 -6.77 34.38 11.58
C ASN A 93 -7.83 33.51 10.92
N LEU A 94 -7.63 33.17 9.65
CA LEU A 94 -8.59 32.32 8.96
C LEU A 94 -8.65 30.93 9.61
N TYR A 95 -7.51 30.35 9.92
CA TYR A 95 -7.48 29.00 10.50
C TYR A 95 -8.05 28.96 11.93
N GLU A 96 -7.71 29.98 12.71
CA GLU A 96 -8.31 30.12 14.04
C GLU A 96 -9.83 30.29 13.97
N ALA A 97 -10.31 31.06 13.00
CA ALA A 97 -11.73 31.28 12.86
C ALA A 97 -12.45 29.98 12.45
N ALA A 98 -11.83 29.24 11.54
CA ALA A 98 -12.41 27.97 11.12
C ALA A 98 -12.44 27.01 12.32
N ARG A 99 -11.38 27.02 13.11
CA ARG A 99 -11.27 26.09 14.23
C ARG A 99 -12.37 26.38 15.26
N ALA A 100 -12.77 27.65 15.35
CA ALA A 100 -13.80 28.07 16.28
C ALA A 100 -15.22 27.84 15.76
N HIS A 101 -15.36 27.53 14.47
CA HIS A 101 -16.67 27.41 13.86
C HIS A 101 -16.90 26.13 13.05
N GLY A 102 -16.48 24.99 13.58
CA GLY A 102 -16.84 23.71 12.99
C GLY A 102 -15.88 23.18 11.94
N GLN A 103 -14.74 23.86 11.79
CA GLN A 103 -13.71 23.46 10.83
C GLN A 103 -14.26 23.20 9.44
N PRO A 104 -14.94 24.21 8.86
CA PRO A 104 -15.42 24.07 7.48
C PRO A 104 -14.22 23.75 6.57
N ARG A 105 -14.41 22.85 5.62
CA ARG A 105 -13.35 22.46 4.71
C ARG A 105 -12.88 23.67 3.89
N ILE A 106 -11.56 23.77 3.67
CA ILE A 106 -10.95 24.92 3.00
C ILE A 106 -10.30 24.54 1.66
N VAL A 107 -10.61 25.30 0.61
CA VAL A 107 -9.79 25.26 -0.60
C VAL A 107 -8.86 26.46 -0.52
N PHE A 108 -7.57 26.22 -0.35
CA PHE A 108 -6.59 27.29 -0.22
C PHE A 108 -5.94 27.60 -1.57
N ALA A 109 -5.97 28.86 -1.99
CA ALA A 109 -5.24 29.27 -3.18
C ALA A 109 -3.75 29.42 -2.86
N SER A 110 -3.01 28.32 -2.97
CA SER A 110 -1.56 28.41 -2.90
C SER A 110 -1.10 28.83 -4.29
N SER A 111 0.16 28.60 -4.61
CA SER A 111 0.71 29.15 -5.85
C SER A 111 1.86 28.32 -6.39
N ASN A 112 2.02 28.32 -7.71
CA ASN A 112 3.22 27.77 -8.32
C ASN A 112 4.48 28.47 -7.81
N HIS A 113 4.32 29.69 -7.29
CA HIS A 113 5.49 30.43 -6.84
C HIS A 113 6.18 29.84 -5.62
N THR A 114 5.54 28.85 -4.98
CA THR A 114 6.19 28.07 -3.93
C THR A 114 7.35 27.23 -4.46
N ILE A 115 7.34 26.97 -5.77
CA ILE A 115 8.35 26.13 -6.41
C ILE A 115 8.94 26.83 -7.63
N GLY A 116 8.84 28.16 -7.64
CA GLY A 116 9.21 28.93 -8.82
C GLY A 116 10.63 28.80 -9.32
N TYR A 117 11.57 28.46 -8.46
CA TYR A 117 12.97 28.34 -8.90
C TYR A 117 13.35 27.01 -9.58
N TYR A 118 12.44 26.05 -9.62
CA TYR A 118 12.72 24.82 -10.37
C TYR A 118 12.76 25.13 -11.86
N PRO A 119 13.65 24.45 -12.61
CA PRO A 119 13.71 24.60 -14.07
C PRO A 119 12.45 24.02 -14.69
N GLN A 120 12.04 24.55 -15.84
CA GLN A 120 10.84 24.06 -16.51
C GLN A 120 11.01 22.65 -17.05
N THR A 121 12.26 22.19 -17.13
CA THR A 121 12.55 20.86 -17.67
C THR A 121 12.34 19.74 -16.65
N GLU A 122 12.08 20.12 -15.40
CA GLU A 122 11.97 19.12 -14.33
C GLU A 122 10.49 18.86 -13.97
N ARG A 123 10.07 17.60 -14.03
CA ARG A 123 8.70 17.22 -13.66
C ARG A 123 8.61 17.07 -12.14
N LEU A 124 7.58 17.66 -11.53
CA LEU A 124 7.49 17.73 -10.08
C LEU A 124 6.32 16.94 -9.51
N GLY A 125 6.58 16.11 -8.52
CA GLY A 125 5.53 15.51 -7.72
C GLY A 125 5.17 16.42 -6.56
N PRO A 126 4.11 16.07 -5.81
CA PRO A 126 3.62 16.91 -4.71
C PRO A 126 4.56 17.02 -3.50
N ASP A 127 5.54 16.12 -3.38
CA ASP A 127 6.41 16.13 -2.20
C ASP A 127 7.75 16.86 -2.41
N VAL A 128 7.93 17.54 -3.54
CA VAL A 128 9.23 18.19 -3.77
C VAL A 128 9.50 19.30 -2.76
N PRO A 129 10.77 19.50 -2.41
CA PRO A 129 11.08 20.60 -1.48
C PRO A 129 10.69 21.95 -2.09
N ALA A 130 10.22 22.89 -1.27
CA ALA A 130 9.85 24.21 -1.76
C ALA A 130 11.08 24.95 -2.32
N ARG A 131 10.87 25.71 -3.39
CA ARG A 131 11.89 26.64 -3.88
C ARG A 131 11.18 27.93 -4.27
N PRO A 132 10.74 28.70 -3.26
CA PRO A 132 9.92 29.89 -3.47
C PRO A 132 10.70 30.96 -4.22
N ASP A 133 10.03 31.69 -5.09
CA ASP A 133 10.73 32.65 -5.97
C ASP A 133 10.64 34.09 -5.50
N GLY A 134 10.09 34.31 -4.31
CA GLY A 134 10.04 35.63 -3.70
C GLY A 134 9.25 35.57 -2.40
N LEU A 135 8.94 36.72 -1.81
CA LEU A 135 8.19 36.75 -0.55
C LEU A 135 6.77 36.20 -0.71
N ALA A 136 6.17 36.42 -1.86
CA ALA A 136 4.82 35.90 -2.10
C ALA A 136 4.83 34.37 -2.04
N GLY A 137 5.77 33.74 -2.75
CA GLY A 137 5.91 32.29 -2.67
C GLY A 137 6.20 31.79 -1.26
N VAL A 138 7.10 32.48 -0.56
CA VAL A 138 7.42 32.10 0.82
C VAL A 138 6.16 32.14 1.68
N SER A 139 5.33 33.16 1.47
CA SER A 139 4.12 33.31 2.27
C SER A 139 3.08 32.25 1.91
N LYS A 140 3.07 31.80 0.67
CA LYS A 140 2.16 30.72 0.30
C LYS A 140 2.63 29.39 0.94
N CYS A 141 3.95 29.21 1.03
CA CYS A 141 4.51 28.10 1.80
C CYS A 141 4.06 28.17 3.27
N PHE A 142 4.05 29.38 3.84
CA PHE A 142 3.59 29.53 5.22
C PHE A 142 2.14 29.01 5.36
N GLY A 143 1.28 29.41 4.43
CA GLY A 143 -0.09 28.93 4.42
C GLY A 143 -0.18 27.41 4.35
N GLU A 144 0.64 26.80 3.48
CA GLU A 144 0.66 25.34 3.38
C GLU A 144 1.14 24.66 4.66
N ASN A 145 2.19 25.19 5.27
CA ASN A 145 2.73 24.60 6.50
C ASN A 145 1.77 24.76 7.67
N LEU A 146 1.14 25.92 7.74
CA LEU A 146 0.12 26.18 8.77
C LEU A 146 -1.07 25.25 8.58
N ALA A 147 -1.57 25.12 7.36
CA ALA A 147 -2.69 24.23 7.09
C ALA A 147 -2.35 22.79 7.48
N ARG A 148 -1.13 22.36 7.18
CA ARG A 148 -0.72 20.99 7.52
C ARG A 148 -0.76 20.79 9.03
N MET A 149 -0.26 21.78 9.77
CA MET A 149 -0.24 21.69 11.23
C MET A 149 -1.66 21.60 11.81
N TYR A 150 -2.58 22.44 11.32
CA TYR A 150 -3.97 22.35 11.78
C TYR A 150 -4.61 21.03 11.38
N PHE A 151 -4.19 20.45 10.26
CA PHE A 151 -4.69 19.14 9.90
C PHE A 151 -4.21 18.04 10.87
N ASP A 152 -2.90 17.98 11.10
CA ASP A 152 -2.36 16.98 12.03
C ASP A 152 -2.83 17.18 13.47
N LYS A 153 -3.02 18.44 13.88
CA LYS A 153 -3.34 18.73 15.27
C LYS A 153 -4.84 18.66 15.57
N PHE A 154 -5.67 19.11 14.63
CA PHE A 154 -7.11 19.29 14.87
C PHE A 154 -7.98 18.58 13.85
N GLY A 155 -7.38 18.09 12.76
CA GLY A 155 -8.15 17.43 11.73
C GLY A 155 -8.79 18.36 10.70
N GLN A 156 -8.46 19.63 10.76
CA GLN A 156 -8.94 20.59 9.77
C GLN A 156 -8.46 20.17 8.37
N GLU A 157 -9.38 20.03 7.42
CA GLU A 157 -9.02 19.58 6.06
C GLU A 157 -8.91 20.75 5.09
N THR A 158 -7.88 20.71 4.24
CA THR A 158 -7.58 21.79 3.31
C THR A 158 -7.02 21.19 2.02
N ALA A 159 -7.49 21.66 0.88
CA ALA A 159 -6.83 21.35 -0.40
C ALA A 159 -5.83 22.47 -0.67
N LEU A 160 -4.55 22.13 -0.77
CA LEU A 160 -3.51 23.12 -1.02
C LEU A 160 -3.29 23.25 -2.53
N VAL A 161 -4.01 24.18 -3.15
CA VAL A 161 -4.02 24.24 -4.60
C VAL A 161 -2.95 25.20 -5.10
N ARG A 162 -1.89 24.64 -5.68
CA ARG A 162 -0.80 25.44 -6.24
C ARG A 162 -1.21 25.91 -7.62
N ILE A 163 -1.89 27.05 -7.65
CA ILE A 163 -2.43 27.58 -8.91
C ILE A 163 -1.31 27.90 -9.92
N GLY A 164 -1.49 27.45 -11.16
CA GLY A 164 -0.59 27.81 -12.25
C GLY A 164 -0.97 29.19 -12.75
N SER A 165 -1.68 29.24 -13.87
CA SER A 165 -2.15 30.49 -14.45
C SER A 165 -3.63 30.33 -14.75
N CYS A 166 -4.47 30.86 -13.88
CA CYS A 166 -5.92 30.66 -14.04
C CYS A 166 -6.48 31.86 -14.80
N THR A 167 -6.61 31.71 -16.12
CA THR A 167 -6.99 32.80 -17.00
C THR A 167 -8.03 32.31 -17.98
N PRO A 168 -8.68 33.24 -18.70
CA PRO A 168 -9.67 32.80 -19.70
C PRO A 168 -9.03 31.93 -20.78
N GLU A 169 -7.78 32.23 -21.14
CA GLU A 169 -7.05 31.41 -22.10
C GLU A 169 -5.54 31.61 -21.92
N PRO A 170 -4.74 30.63 -22.39
CA PRO A 170 -3.28 30.81 -22.31
C PRO A 170 -2.88 32.01 -23.17
N ASN A 171 -1.97 32.85 -22.70
CA ASN A 171 -1.55 33.97 -23.55
C ASN A 171 -0.05 34.18 -23.69
N ASN A 172 0.73 33.21 -23.23
CA ASN A 172 2.16 33.21 -23.51
C ASN A 172 2.69 31.78 -23.44
N TYR A 173 3.96 31.61 -23.79
CA TYR A 173 4.53 30.26 -23.92
C TYR A 173 4.45 29.46 -22.62
N ARG A 174 4.73 30.13 -21.51
CA ARG A 174 4.70 29.48 -20.19
C ARG A 174 3.31 28.88 -19.90
N MET A 175 2.27 29.60 -20.29
CA MET A 175 0.91 29.13 -20.01
C MET A 175 0.51 27.88 -20.79
N LEU A 176 1.28 27.54 -21.80
CA LEU A 176 1.05 26.25 -22.46
C LEU A 176 1.28 25.11 -21.46
N SER A 177 2.01 25.42 -20.39
CA SER A 177 2.25 24.44 -19.33
C SER A 177 1.42 24.74 -18.09
N THR A 178 1.27 26.02 -17.75
CA THR A 178 0.70 26.40 -16.45
C THR A 178 -0.80 26.72 -16.44
N TRP A 179 -1.41 26.80 -17.62
CA TRP A 179 -2.81 27.20 -17.71
C TRP A 179 -3.70 26.32 -16.86
N PHE A 180 -4.59 26.97 -16.10
CA PHE A 180 -5.60 26.30 -15.29
C PHE A 180 -6.92 26.94 -15.69
N SER A 181 -7.73 26.25 -16.46
CA SER A 181 -8.96 26.86 -16.97
C SER A 181 -9.97 27.12 -15.85
N HIS A 182 -10.88 28.07 -16.08
CA HIS A 182 -11.96 28.30 -15.12
C HIS A 182 -12.76 27.02 -14.88
N ASP A 183 -13.13 26.35 -15.96
CA ASP A 183 -13.89 25.09 -15.85
C ASP A 183 -13.18 24.06 -14.98
N ASP A 184 -11.87 23.92 -15.15
CA ASP A 184 -11.13 22.91 -14.40
C ASP A 184 -10.94 23.28 -12.93
N PHE A 185 -10.81 24.58 -12.64
CA PHE A 185 -10.71 25.00 -11.25
C PHE A 185 -12.06 24.81 -10.56
N VAL A 186 -13.14 25.14 -11.27
CA VAL A 186 -14.47 24.91 -10.73
C VAL A 186 -14.72 23.43 -10.43
N SER A 187 -14.38 22.55 -11.38
CA SER A 187 -14.58 21.13 -11.15
C SER A 187 -13.70 20.60 -10.02
N LEU A 188 -12.51 21.17 -9.85
CA LEU A 188 -11.65 20.77 -8.74
C LEU A 188 -12.31 21.12 -7.42
N ILE A 189 -12.83 22.35 -7.34
CA ILE A 189 -13.51 22.80 -6.13
C ILE A 189 -14.70 21.89 -5.79
N GLU A 190 -15.47 21.51 -6.81
CA GLU A 190 -16.60 20.59 -6.60
C GLU A 190 -16.13 19.23 -6.07
N ALA A 191 -15.03 18.73 -6.62
CA ALA A 191 -14.46 17.47 -6.21
C ALA A 191 -13.94 17.53 -4.78
N VAL A 192 -13.35 18.66 -4.40
CA VAL A 192 -12.80 18.81 -3.06
C VAL A 192 -13.92 18.78 -2.01
N PHE A 193 -15.01 19.49 -2.28
CA PHE A 193 -16.13 19.51 -1.32
C PHE A 193 -16.96 18.22 -1.28
N ARG A 194 -16.99 17.46 -2.36
CA ARG A 194 -17.78 16.23 -2.41
C ARG A 194 -17.10 15.05 -1.71
N ALA A 195 -15.78 15.10 -1.56
CA ALA A 195 -15.03 13.96 -1.02
C ALA A 195 -15.37 13.66 0.44
N PRO A 196 -15.72 12.41 0.75
CA PRO A 196 -15.95 12.07 2.16
C PRO A 196 -14.70 12.39 3.00
N VAL A 197 -13.53 12.00 2.48
CA VAL A 197 -12.27 12.24 3.17
C VAL A 197 -11.28 12.95 2.23
N LEU A 198 -10.69 14.04 2.70
CA LEU A 198 -9.78 14.84 1.87
C LEU A 198 -8.36 14.80 2.38
N GLY A 199 -8.19 15.06 3.67
CA GLY A 199 -6.86 15.21 4.25
C GLY A 199 -6.33 16.62 4.04
N CYS A 200 -5.02 16.74 3.81
CA CYS A 200 -4.43 18.05 3.51
C CYS A 200 -3.50 17.94 2.29
N PRO A 201 -4.07 17.54 1.14
CA PRO A 201 -3.21 17.24 -0.01
C PRO A 201 -2.72 18.48 -0.77
N VAL A 202 -1.50 18.39 -1.31
CA VAL A 202 -1.03 19.32 -2.33
C VAL A 202 -1.70 18.97 -3.65
N VAL A 203 -2.27 19.96 -4.30
CA VAL A 203 -2.91 19.77 -5.60
C VAL A 203 -2.24 20.72 -6.59
N TRP A 204 -1.77 20.19 -7.71
CA TRP A 204 -1.19 21.07 -8.73
C TRP A 204 -2.34 21.69 -9.52
N GLY A 205 -2.43 23.01 -9.49
CA GLY A 205 -3.53 23.69 -10.15
C GLY A 205 -3.24 23.99 -11.61
N ALA A 206 -3.47 23.00 -12.46
CA ALA A 206 -3.30 23.14 -13.90
C ALA A 206 -4.32 22.28 -14.64
N SER A 207 -4.69 22.69 -15.85
CA SER A 207 -5.53 21.86 -16.69
C SER A 207 -4.74 20.66 -17.23
N ALA A 208 -5.34 19.85 -18.11
CA ALA A 208 -4.67 18.66 -18.62
C ALA A 208 -3.80 19.03 -19.84
N ASN A 209 -2.78 19.84 -19.58
CA ASN A 209 -1.95 20.38 -20.65
C ASN A 209 -0.90 19.37 -21.13
N ASP A 210 -0.82 19.18 -22.45
CA ASP A 210 0.22 18.29 -23.00
C ASP A 210 1.59 18.67 -22.46
N ALA A 211 1.85 19.97 -22.30
CA ALA A 211 3.15 20.44 -21.81
C ALA A 211 3.23 20.68 -20.30
N GLY A 212 2.30 20.11 -19.53
CA GLY A 212 2.31 20.26 -18.08
C GLY A 212 3.60 19.77 -17.43
N TRP A 213 3.99 20.40 -16.32
CA TRP A 213 5.21 20.07 -15.59
C TRP A 213 4.94 19.25 -14.33
N TRP A 214 3.67 19.05 -13.99
CA TRP A 214 3.30 18.62 -12.63
C TRP A 214 2.50 17.31 -12.59
N ASP A 215 2.77 16.51 -11.57
CA ASP A 215 2.21 15.16 -11.48
C ASP A 215 1.18 15.09 -10.35
N ASN A 216 -0.10 15.00 -10.70
CA ASN A 216 -1.18 14.91 -9.71
C ASN A 216 -1.63 13.46 -9.49
N SER A 217 -0.83 12.49 -9.90
CA SER A 217 -1.31 11.10 -9.89
C SER A 217 -1.67 10.60 -8.47
N HIS A 218 -1.00 11.14 -7.46
CA HIS A 218 -1.22 10.67 -6.08
C HIS A 218 -2.56 11.15 -5.51
N LEU A 219 -3.16 12.10 -6.21
CA LEU A 219 -4.46 12.65 -5.85
C LEU A 219 -5.59 11.80 -6.47
N GLY A 220 -5.22 10.67 -7.07
CA GLY A 220 -6.18 9.84 -7.78
C GLY A 220 -7.44 9.55 -6.99
N PHE A 221 -7.31 9.34 -5.68
CA PHE A 221 -8.47 9.01 -4.84
C PHE A 221 -9.61 10.03 -4.96
N LEU A 222 -9.28 11.27 -5.32
CA LEU A 222 -10.26 12.35 -5.36
C LEU A 222 -11.19 12.25 -6.58
N GLY A 223 -10.73 11.57 -7.62
CA GLY A 223 -11.51 11.34 -8.81
C GLY A 223 -11.66 12.57 -9.70
N TRP A 224 -10.78 13.54 -9.53
CA TRP A 224 -10.80 14.75 -10.35
C TRP A 224 -9.80 14.65 -11.49
N LYS A 225 -10.30 14.73 -12.71
CA LYS A 225 -9.48 14.77 -13.92
C LYS A 225 -9.81 16.03 -14.71
N PRO A 226 -8.85 16.97 -14.82
CA PRO A 226 -9.15 18.17 -15.62
C PRO A 226 -9.39 17.82 -17.09
N LYS A 227 -10.18 18.64 -17.78
CA LYS A 227 -10.61 18.31 -19.14
C LYS A 227 -10.05 19.25 -20.21
N ASP A 228 -9.64 20.45 -19.83
CA ASP A 228 -9.14 21.39 -20.83
C ASP A 228 -7.65 21.16 -21.09
N ASN A 229 -7.14 21.69 -22.21
CA ASN A 229 -5.77 21.40 -22.62
C ASN A 229 -5.20 22.63 -23.32
N ALA A 230 -4.19 23.24 -22.71
CA ALA A 230 -3.61 24.46 -23.24
C ALA A 230 -2.97 24.26 -24.61
N GLU A 231 -2.63 23.02 -24.94
CA GLU A 231 -1.94 22.73 -26.19
C GLU A 231 -2.75 23.20 -27.39
N ALA A 232 -4.08 23.24 -27.24
CA ALA A 232 -4.96 23.71 -28.30
C ALA A 232 -4.66 25.16 -28.71
N PHE A 233 -3.95 25.89 -27.85
CA PHE A 233 -3.69 27.30 -28.06
C PHE A 233 -2.27 27.59 -28.55
N ARG A 234 -1.48 26.56 -28.84
CA ARG A 234 -0.09 26.78 -29.23
C ARG A 234 0.04 27.69 -30.46
N ARG A 235 -0.74 27.41 -31.49
CA ARG A 235 -0.67 28.27 -32.68
C ARG A 235 -1.12 29.70 -32.36
N HIS A 236 -2.20 29.81 -31.58
CA HIS A 236 -2.70 31.11 -31.12
C HIS A 236 -1.57 31.92 -30.47
N ILE A 237 -0.78 31.27 -29.64
CA ILE A 237 0.31 31.94 -28.96
C ILE A 237 1.42 32.37 -29.95
N THR A 238 1.79 31.49 -30.88
CA THR A 238 2.80 31.86 -31.87
C THR A 238 2.33 33.04 -32.73
N GLU A 239 1.01 33.17 -32.94
CA GLU A 239 0.49 34.22 -33.82
C GLU A 239 0.05 35.48 -33.08
N THR A 240 0.44 35.61 -31.82
CA THR A 240 0.00 36.75 -31.03
C THR A 240 1.08 37.31 -30.09
N THR A 241 2.22 36.64 -30.02
CA THR A 241 3.29 37.06 -29.12
C THR A 241 4.65 36.87 -29.80
N PRO A 242 5.67 37.62 -29.36
CA PRO A 242 7.01 37.35 -29.89
C PRO A 242 7.52 36.00 -29.41
N PRO A 243 8.36 35.33 -30.21
CA PRO A 243 8.96 34.07 -29.74
C PRO A 243 9.85 34.32 -28.52
N PRO A 244 9.75 33.47 -27.48
CA PRO A 244 10.56 33.70 -26.28
C PRO A 244 12.05 33.59 -26.56
N ASP A 245 12.83 34.45 -25.93
CA ASP A 245 14.29 34.31 -25.88
C ASP A 245 14.61 33.14 -24.93
N PRO A 246 15.48 32.21 -25.35
CA PRO A 246 15.82 31.04 -24.54
C PRO A 246 16.41 31.44 -23.18
N ASN A 247 16.91 32.66 -23.07
CA ASN A 247 17.48 33.16 -21.82
C ASN A 247 16.45 33.79 -20.90
N ASP A 248 15.22 33.96 -21.41
CA ASP A 248 14.14 34.60 -20.67
C ASP A 248 13.67 33.70 -19.52
N ALA A 249 13.51 34.27 -18.34
CA ALA A 249 13.00 33.53 -17.19
C ALA A 249 11.65 32.88 -17.52
N LEU A 250 10.89 33.54 -18.40
CA LEU A 250 9.60 33.02 -18.86
C LEU A 250 9.66 31.57 -19.37
N VAL A 251 10.79 31.17 -19.93
CA VAL A 251 10.94 29.79 -20.38
C VAL A 251 12.04 28.99 -19.66
N ARG A 252 12.58 29.55 -18.58
CA ARG A 252 13.65 28.86 -17.85
C ARG A 252 13.23 28.36 -16.46
N PHE A 253 12.33 29.10 -15.82
CA PHE A 253 11.95 28.83 -14.43
C PHE A 253 10.45 28.65 -14.32
N GLN A 254 10.04 27.72 -13.46
CA GLN A 254 8.61 27.45 -13.32
C GLN A 254 7.81 28.66 -12.83
N GLY A 255 8.47 29.51 -12.03
CA GLY A 255 7.87 30.75 -11.57
C GLY A 255 7.93 31.88 -12.59
N GLY A 256 8.52 31.62 -13.75
CA GLY A 256 8.60 32.64 -14.79
C GLY A 256 9.35 33.88 -14.31
N THR A 257 8.91 35.06 -14.73
CA THR A 257 9.63 36.29 -14.40
C THR A 257 9.67 36.64 -12.90
N PHE A 258 8.91 35.93 -12.07
CA PHE A 258 9.00 36.18 -10.61
C PHE A 258 10.42 36.00 -10.08
N VAL A 259 11.21 35.10 -10.68
CA VAL A 259 12.58 34.94 -10.21
C VAL A 259 13.39 36.24 -10.38
N ASP A 260 13.00 37.05 -11.36
CA ASP A 260 13.69 38.31 -11.66
C ASP A 260 13.30 39.45 -10.69
N ASN A 261 12.23 39.28 -9.94
CA ASN A 261 11.83 40.29 -8.95
C ASN A 261 12.89 40.46 -7.87
N PRO A 262 13.19 41.72 -7.51
CA PRO A 262 13.99 42.01 -6.32
C PRO A 262 13.08 41.90 -5.09
N ILE A 263 13.60 42.20 -3.91
CA ILE A 263 12.75 42.36 -2.74
C ILE A 263 12.18 43.78 -2.83
N PHE A 264 10.90 43.91 -3.09
CA PHE A 264 10.28 45.24 -3.22
C PHE A 264 10.13 45.89 -1.86
N LYS A 265 10.24 47.22 -1.83
CA LYS A 265 10.18 47.98 -0.59
C LYS A 265 9.04 49.01 -0.61
N GLN A 266 8.54 49.36 0.57
CA GLN A 266 7.48 50.36 0.69
C GLN A 266 8.04 51.77 0.60
N ALA B 2 -7.74 -20.53 -28.81
CA ALA B 2 -6.51 -20.29 -28.05
C ALA B 2 -5.88 -21.60 -27.57
N MET B 3 -6.71 -22.48 -27.01
CA MET B 3 -6.20 -23.71 -26.41
C MET B 3 -7.25 -24.82 -26.43
N LYS B 4 -6.83 -26.06 -26.26
CA LYS B 4 -7.76 -27.18 -26.27
C LYS B 4 -8.71 -27.17 -25.08
N ARG B 5 -8.16 -27.02 -23.87
CA ARG B 5 -8.98 -27.07 -22.68
C ARG B 5 -8.56 -26.04 -21.63
N LEU B 6 -9.53 -25.26 -21.18
CA LEU B 6 -9.32 -24.25 -20.16
C LEU B 6 -10.09 -24.65 -18.90
N LEU B 7 -9.39 -24.69 -17.77
CA LEU B 7 -10.02 -24.91 -16.47
C LEU B 7 -10.43 -23.60 -15.79
N VAL B 8 -11.69 -23.52 -15.37
CA VAL B 8 -12.15 -22.45 -14.51
C VAL B 8 -12.62 -23.02 -13.18
N THR B 9 -11.89 -22.73 -12.10
CA THR B 9 -12.33 -23.14 -10.75
C THR B 9 -13.23 -22.06 -10.16
N GLY B 10 -13.93 -22.39 -9.08
CA GLY B 10 -14.90 -21.48 -8.49
C GLY B 10 -16.05 -21.16 -9.45
N ALA B 11 -16.29 -22.08 -10.38
CA ALA B 11 -17.24 -21.86 -11.48
C ALA B 11 -18.70 -21.71 -11.08
N ALA B 12 -19.04 -22.11 -9.85
CA ALA B 12 -20.41 -21.97 -9.37
C ALA B 12 -20.66 -20.60 -8.76
N GLY B 13 -19.58 -19.90 -8.43
CA GLY B 13 -19.70 -18.60 -7.79
C GLY B 13 -20.17 -17.52 -8.75
N GLN B 14 -20.40 -16.33 -8.22
CA GLN B 14 -20.98 -15.25 -9.02
C GLN B 14 -20.05 -14.91 -10.19
N LEU B 15 -18.78 -14.77 -9.90
CA LEU B 15 -17.80 -14.46 -10.93
C LEU B 15 -17.56 -15.65 -11.86
N GLY B 16 -17.46 -16.86 -11.30
CA GLY B 16 -17.25 -18.04 -12.11
C GLY B 16 -18.36 -18.26 -13.13
N ARG B 17 -19.59 -17.91 -12.76
CA ARG B 17 -20.72 -18.08 -13.67
C ARG B 17 -20.59 -17.13 -14.86
N VAL B 18 -20.08 -15.93 -14.60
CA VAL B 18 -19.78 -14.99 -15.67
C VAL B 18 -18.72 -15.55 -16.60
N MET B 19 -17.63 -16.06 -16.03
CA MET B 19 -16.51 -16.56 -16.82
C MET B 19 -16.85 -17.84 -17.60
N ARG B 20 -17.77 -18.64 -17.05
CA ARG B 20 -18.20 -19.85 -17.74
C ARG B 20 -18.79 -19.45 -19.09
N GLU B 21 -19.51 -18.32 -19.10
CA GLU B 21 -20.09 -17.79 -20.33
C GLU B 21 -19.05 -17.07 -21.19
N ARG B 22 -18.31 -16.14 -20.59
CA ARG B 22 -17.42 -15.25 -21.35
C ARG B 22 -16.12 -15.87 -21.87
N LEU B 23 -15.60 -16.90 -21.20
CA LEU B 23 -14.33 -17.48 -21.62
C LEU B 23 -14.48 -18.66 -22.60
N ALA B 24 -15.72 -19.06 -22.87
CA ALA B 24 -15.97 -20.17 -23.79
C ALA B 24 -15.21 -20.05 -25.11
N PRO B 25 -15.18 -18.85 -25.71
CA PRO B 25 -14.48 -18.67 -26.98
C PRO B 25 -12.98 -18.93 -26.90
N MET B 26 -12.41 -18.97 -25.70
CA MET B 26 -10.96 -19.15 -25.54
C MET B 26 -10.45 -20.58 -25.69
N ALA B 27 -11.34 -21.56 -25.67
CA ALA B 27 -10.90 -22.95 -25.74
C ALA B 27 -11.91 -23.86 -26.40
N GLU B 28 -11.45 -24.98 -26.96
CA GLU B 28 -12.35 -25.97 -27.51
C GLU B 28 -13.27 -26.50 -26.41
N ILE B 29 -12.68 -26.83 -25.27
CA ILE B 29 -13.44 -27.33 -24.13
C ILE B 29 -13.19 -26.46 -22.89
N LEU B 30 -14.27 -26.11 -22.21
CA LEU B 30 -14.17 -25.43 -20.92
C LEU B 30 -14.48 -26.43 -19.82
N ARG B 31 -13.52 -26.66 -18.92
CA ARG B 31 -13.79 -27.50 -17.74
C ARG B 31 -14.12 -26.61 -16.57
N LEU B 32 -15.31 -26.80 -16.01
CA LEU B 32 -15.76 -26.02 -14.87
C LEU B 32 -15.64 -26.86 -13.59
N ALA B 33 -15.19 -26.23 -12.51
CA ALA B 33 -15.03 -26.95 -11.24
C ALA B 33 -15.43 -26.09 -10.06
N ASP B 34 -16.01 -26.73 -9.04
CA ASP B 34 -16.37 -26.04 -7.83
C ASP B 34 -16.65 -27.09 -6.76
N LEU B 35 -16.63 -26.68 -5.50
CA LEU B 35 -17.05 -27.55 -4.41
C LEU B 35 -18.57 -27.65 -4.38
N SER B 36 -19.22 -26.57 -4.79
CA SER B 36 -20.67 -26.48 -4.83
C SER B 36 -21.23 -27.03 -6.15
N PRO B 37 -22.53 -27.43 -6.14
CA PRO B 37 -23.17 -27.96 -7.34
C PRO B 37 -23.05 -27.02 -8.54
N LEU B 38 -22.69 -27.59 -9.68
CA LEU B 38 -22.57 -26.82 -10.91
C LEU B 38 -23.77 -27.13 -11.80
N ASP B 39 -24.33 -26.10 -12.43
CA ASP B 39 -25.31 -26.34 -13.48
C ASP B 39 -24.69 -27.34 -14.44
N PRO B 40 -25.48 -28.32 -14.89
CA PRO B 40 -25.01 -29.41 -15.77
C PRO B 40 -24.28 -28.90 -17.01
N ALA B 41 -23.31 -29.69 -17.48
CA ALA B 41 -22.51 -29.32 -18.63
C ALA B 41 -23.34 -29.26 -19.89
N GLY B 42 -23.21 -28.15 -20.62
CA GLY B 42 -23.75 -28.07 -21.96
C GLY B 42 -22.71 -28.55 -22.93
N PRO B 43 -22.91 -28.28 -24.22
CA PRO B 43 -21.93 -28.67 -25.24
C PRO B 43 -20.59 -27.95 -25.02
N ASN B 44 -19.49 -28.64 -25.31
CA ASN B 44 -18.14 -28.08 -25.19
C ASN B 44 -17.75 -27.76 -23.75
N GLU B 45 -18.48 -28.35 -22.81
CA GLU B 45 -18.19 -28.18 -21.38
C GLU B 45 -17.93 -29.52 -20.68
N GLU B 46 -17.14 -29.45 -19.61
CA GLU B 46 -17.00 -30.55 -18.66
C GLU B 46 -17.22 -29.95 -17.28
N CYS B 47 -17.90 -30.68 -16.41
CA CYS B 47 -18.13 -30.18 -15.06
C CYS B 47 -17.58 -31.18 -14.04
N VAL B 48 -16.86 -30.67 -13.05
CA VAL B 48 -16.27 -31.51 -12.02
C VAL B 48 -16.52 -30.87 -10.67
N GLN B 49 -17.04 -31.65 -9.72
CA GLN B 49 -17.29 -31.12 -8.38
C GLN B 49 -16.30 -31.73 -7.42
N CYS B 50 -15.43 -30.89 -6.86
CA CYS B 50 -14.41 -31.38 -5.95
C CYS B 50 -13.93 -30.30 -4.99
N ASP B 51 -13.36 -30.75 -3.88
CA ASP B 51 -12.78 -29.88 -2.88
C ASP B 51 -11.30 -29.65 -3.21
N LEU B 52 -10.89 -28.38 -3.23
CA LEU B 52 -9.49 -28.03 -3.50
C LEU B 52 -8.56 -28.64 -2.48
N ALA B 53 -9.08 -28.95 -1.29
CA ALA B 53 -8.26 -29.54 -0.24
C ALA B 53 -7.93 -31.01 -0.47
N ASP B 54 -8.59 -31.64 -1.44
CA ASP B 54 -8.41 -33.07 -1.72
C ASP B 54 -7.40 -33.18 -2.87
N ALA B 55 -6.16 -33.53 -2.54
CA ALA B 55 -5.06 -33.49 -3.51
C ALA B 55 -5.31 -34.36 -4.74
N ASN B 56 -5.76 -35.60 -4.50
CA ASN B 56 -6.05 -36.50 -5.61
C ASN B 56 -7.09 -35.95 -6.57
N ALA B 57 -8.11 -35.29 -6.02
CA ALA B 57 -9.16 -34.70 -6.86
C ALA B 57 -8.61 -33.55 -7.68
N VAL B 58 -7.76 -32.74 -7.08
CA VAL B 58 -7.20 -31.58 -7.77
C VAL B 58 -6.25 -32.01 -8.88
N ASN B 59 -5.51 -33.09 -8.66
CA ASN B 59 -4.68 -33.66 -9.71
C ASN B 59 -5.52 -34.00 -10.95
N ALA B 60 -6.64 -34.68 -10.73
CA ALA B 60 -7.52 -35.08 -11.83
C ALA B 60 -8.22 -33.88 -12.48
N MET B 61 -8.55 -32.88 -11.66
CA MET B 61 -9.17 -31.66 -12.14
C MET B 61 -8.28 -30.91 -13.15
N VAL B 62 -6.99 -30.91 -12.87
CA VAL B 62 -6.00 -30.16 -13.65
C VAL B 62 -5.50 -30.94 -14.85
N ALA B 63 -5.43 -32.26 -14.72
CA ALA B 63 -4.92 -33.12 -15.79
C ALA B 63 -5.63 -32.84 -17.11
N GLY B 64 -4.85 -32.60 -18.16
CA GLY B 64 -5.40 -32.37 -19.49
C GLY B 64 -5.80 -30.93 -19.77
N CYS B 65 -5.50 -30.03 -18.84
CA CYS B 65 -5.84 -28.62 -19.02
C CYS B 65 -4.62 -27.80 -19.48
N ASP B 66 -4.86 -26.84 -20.37
CA ASP B 66 -3.78 -26.03 -20.94
C ASP B 66 -3.66 -24.67 -20.27
N GLY B 67 -4.68 -24.31 -19.50
CA GLY B 67 -4.68 -23.07 -18.74
C GLY B 67 -5.67 -23.17 -17.60
N ILE B 68 -5.46 -22.33 -16.58
CA ILE B 68 -6.32 -22.33 -15.42
C ILE B 68 -6.68 -20.91 -15.01
N VAL B 69 -7.96 -20.64 -14.88
CA VAL B 69 -8.42 -19.41 -14.24
C VAL B 69 -8.88 -19.82 -12.84
N HIS B 70 -8.09 -19.48 -11.83
CA HIS B 70 -8.36 -19.98 -10.48
C HIS B 70 -9.17 -18.99 -9.66
N LEU B 71 -10.49 -19.12 -9.72
CA LEU B 71 -11.40 -18.28 -8.94
C LEU B 71 -11.87 -18.99 -7.67
N GLY B 72 -11.66 -20.31 -7.62
CA GLY B 72 -12.14 -21.11 -6.51
C GLY B 72 -11.43 -20.83 -5.19
N GLY B 73 -12.21 -20.80 -4.11
CA GLY B 73 -11.62 -20.53 -2.80
C GLY B 73 -12.47 -19.59 -2.00
N ILE B 74 -11.97 -19.16 -0.85
CA ILE B 74 -12.70 -18.27 0.04
C ILE B 74 -12.25 -16.84 -0.19
N SER B 75 -13.17 -15.97 -0.59
CA SER B 75 -12.82 -14.58 -0.83
C SER B 75 -13.51 -13.60 0.12
N VAL B 76 -14.24 -14.13 1.09
CA VAL B 76 -14.76 -13.30 2.19
C VAL B 76 -14.19 -13.81 3.49
N GLU B 77 -14.28 -12.99 4.54
CA GLU B 77 -13.70 -13.39 5.82
C GLU B 77 -14.50 -14.52 6.43
N LYS B 78 -13.81 -15.61 6.76
CA LYS B 78 -14.41 -16.81 7.33
C LYS B 78 -13.47 -17.33 8.41
N PRO B 79 -13.91 -18.35 9.17
CA PRO B 79 -13.02 -18.93 10.18
C PRO B 79 -11.79 -19.58 9.55
N PHE B 80 -10.72 -19.69 10.34
CA PHE B 80 -9.43 -20.15 9.84
C PHE B 80 -9.49 -21.52 9.14
N GLU B 81 -10.20 -22.49 9.71
CA GLU B 81 -10.19 -23.82 9.10
C GLU B 81 -10.70 -23.84 7.64
N GLN B 82 -11.78 -23.13 7.38
CA GLN B 82 -12.32 -23.09 6.01
C GLN B 82 -11.31 -22.48 5.04
N ILE B 83 -10.68 -21.39 5.48
CA ILE B 83 -9.70 -20.69 4.65
C ILE B 83 -8.43 -21.52 4.46
N LEU B 84 -7.98 -22.18 5.52
CA LEU B 84 -6.86 -23.11 5.43
C LEU B 84 -7.09 -24.15 4.32
N GLN B 85 -8.27 -24.76 4.32
CA GLN B 85 -8.56 -25.82 3.34
C GLN B 85 -8.64 -25.30 1.90
N GLY B 86 -9.42 -24.24 1.68
CA GLY B 86 -9.66 -23.74 0.35
C GLY B 86 -8.51 -22.95 -0.28
N ASN B 87 -7.78 -22.19 0.54
CA ASN B 87 -6.84 -21.16 0.06
C ASN B 87 -5.38 -21.44 0.34
N ILE B 88 -5.11 -22.34 1.27
CA ILE B 88 -3.72 -22.63 1.62
C ILE B 88 -3.38 -24.05 1.17
N ILE B 89 -3.98 -25.05 1.82
CA ILE B 89 -3.86 -26.41 1.31
C ILE B 89 -4.30 -26.46 -0.14
N GLY B 90 -5.42 -25.80 -0.45
CA GLY B 90 -5.95 -25.81 -1.80
C GLY B 90 -4.99 -25.27 -2.85
N LEU B 91 -4.26 -24.21 -2.49
CA LEU B 91 -3.27 -23.60 -3.38
C LEU B 91 -2.06 -24.50 -3.59
N TYR B 92 -1.57 -25.09 -2.50
CA TYR B 92 -0.51 -26.07 -2.62
C TYR B 92 -0.92 -27.18 -3.59
N ASN B 93 -2.12 -27.74 -3.37
CA ASN B 93 -2.61 -28.81 -4.23
C ASN B 93 -2.70 -28.38 -5.70
N LEU B 94 -3.18 -27.15 -5.93
CA LEU B 94 -3.29 -26.64 -7.31
C LEU B 94 -1.94 -26.54 -7.97
N TYR B 95 -0.96 -25.97 -7.27
CA TYR B 95 0.37 -25.80 -7.86
C TYR B 95 1.10 -27.12 -8.09
N GLU B 96 0.94 -28.07 -7.17
CA GLU B 96 1.52 -29.39 -7.37
C GLU B 96 0.86 -30.11 -8.55
N ALA B 97 -0.46 -29.97 -8.67
CA ALA B 97 -1.18 -30.57 -9.79
C ALA B 97 -0.68 -29.97 -11.11
N ALA B 98 -0.54 -28.65 -11.14
CA ALA B 98 -0.04 -27.99 -12.34
C ALA B 98 1.36 -28.48 -12.67
N ARG B 99 2.18 -28.63 -11.63
CA ARG B 99 3.56 -29.05 -11.84
C ARG B 99 3.63 -30.45 -12.44
N ALA B 100 2.66 -31.30 -12.09
CA ALA B 100 2.64 -32.67 -12.57
C ALA B 100 2.03 -32.80 -13.95
N HIS B 101 1.44 -31.73 -14.45
CA HIS B 101 0.69 -31.79 -15.71
C HIS B 101 1.02 -30.65 -16.67
N GLY B 102 2.31 -30.39 -16.84
CA GLY B 102 2.76 -29.50 -17.91
C GLY B 102 2.76 -28.02 -17.60
N GLN B 103 2.54 -27.68 -16.33
CA GLN B 103 2.57 -26.27 -15.88
C GLN B 103 1.69 -25.35 -16.73
N PRO B 104 0.40 -25.70 -16.84
CA PRO B 104 -0.53 -24.80 -17.54
C PRO B 104 -0.48 -23.41 -16.90
N ARG B 105 -0.49 -22.36 -17.70
CA ARG B 105 -0.47 -21.00 -17.17
C ARG B 105 -1.69 -20.72 -16.30
N ILE B 106 -1.49 -20.01 -15.19
CA ILE B 106 -2.53 -19.74 -14.20
C ILE B 106 -2.86 -18.26 -14.04
N VAL B 107 -4.15 -17.92 -14.13
CA VAL B 107 -4.64 -16.62 -13.66
C VAL B 107 -5.18 -16.82 -12.25
N PHE B 108 -4.52 -16.22 -11.26
CA PHE B 108 -4.91 -16.42 -9.84
C PHE B 108 -5.75 -15.24 -9.36
N ALA B 109 -6.92 -15.54 -8.83
CA ALA B 109 -7.70 -14.50 -8.19
C ALA B 109 -7.14 -14.21 -6.80
N SER B 110 -6.18 -13.29 -6.73
CA SER B 110 -5.78 -12.70 -5.47
C SER B 110 -6.83 -11.65 -5.12
N SER B 111 -6.48 -10.72 -4.25
CA SER B 111 -7.48 -9.79 -3.72
C SER B 111 -6.88 -8.47 -3.24
N ASN B 112 -7.65 -7.40 -3.35
CA ASN B 112 -7.30 -6.14 -2.70
C ASN B 112 -7.11 -6.32 -1.20
N HIS B 113 -7.67 -7.39 -0.64
CA HIS B 113 -7.58 -7.56 0.80
C HIS B 113 -6.17 -7.89 1.28
N THR B 114 -5.28 -8.21 0.33
CA THR B 114 -3.86 -8.35 0.64
C THR B 114 -3.25 -7.03 1.11
N ILE B 115 -3.90 -5.93 0.75
CA ILE B 115 -3.39 -4.59 1.06
C ILE B 115 -4.46 -3.72 1.71
N GLY B 116 -5.44 -4.38 2.31
CA GLY B 116 -6.65 -3.71 2.79
C GLY B 116 -6.46 -2.63 3.84
N TYR B 117 -5.38 -2.71 4.62
CA TYR B 117 -5.15 -1.69 5.65
C TYR B 117 -4.52 -0.38 5.16
N TYR B 118 -4.10 -0.30 3.90
CA TYR B 118 -3.63 1.00 3.38
C TYR B 118 -4.78 2.01 3.36
N PRO B 119 -4.47 3.29 3.64
CA PRO B 119 -5.48 4.35 3.51
C PRO B 119 -5.86 4.53 2.04
N GLN B 120 -7.08 4.94 1.77
CA GLN B 120 -7.54 5.13 0.40
C GLN B 120 -6.82 6.30 -0.28
N THR B 121 -6.19 7.16 0.51
CA THR B 121 -5.48 8.33 -0.04
C THR B 121 -4.09 7.99 -0.59
N GLU B 122 -3.62 6.77 -0.33
CA GLU B 122 -2.28 6.38 -0.78
C GLU B 122 -2.32 5.61 -2.10
N ARG B 123 -1.56 6.07 -3.10
CA ARG B 123 -1.50 5.38 -4.39
C ARG B 123 -0.46 4.26 -4.27
N LEU B 124 -0.80 3.06 -4.76
CA LEU B 124 0.07 1.89 -4.58
C LEU B 124 0.62 1.34 -5.88
N GLY B 125 1.92 1.08 -5.90
CA GLY B 125 2.53 0.30 -6.96
C GLY B 125 2.52 -1.19 -6.64
N PRO B 126 2.88 -2.03 -7.61
CA PRO B 126 2.78 -3.48 -7.43
C PRO B 126 3.75 -4.06 -6.41
N ASP B 127 4.77 -3.29 -5.99
CA ASP B 127 5.75 -3.82 -5.06
C ASP B 127 5.53 -3.45 -3.60
N VAL B 128 4.40 -2.82 -3.27
CA VAL B 128 4.21 -2.38 -1.88
C VAL B 128 4.11 -3.59 -0.94
N PRO B 129 4.60 -3.41 0.30
CA PRO B 129 4.50 -4.49 1.29
C PRO B 129 3.04 -4.84 1.59
N ALA B 130 2.75 -6.12 1.82
CA ALA B 130 1.39 -6.54 2.14
C ALA B 130 0.89 -5.91 3.44
N ARG B 131 -0.38 -5.53 3.47
CA ARG B 131 -1.04 -5.15 4.72
C ARG B 131 -2.43 -5.80 4.73
N PRO B 132 -2.48 -7.12 4.95
CA PRO B 132 -3.76 -7.85 4.80
C PRO B 132 -4.76 -7.43 5.88
N ASP B 133 -6.05 -7.44 5.54
CA ASP B 133 -7.05 -6.93 6.48
C ASP B 133 -7.82 -8.02 7.22
N GLY B 134 -7.36 -9.26 7.10
CA GLY B 134 -8.00 -10.38 7.76
C GLY B 134 -7.38 -11.69 7.31
N LEU B 135 -7.94 -12.81 7.76
CA LEU B 135 -7.40 -14.11 7.39
C LEU B 135 -7.53 -14.40 5.89
N ALA B 136 -8.60 -13.92 5.28
CA ALA B 136 -8.78 -14.11 3.85
C ALA B 136 -7.62 -13.42 3.10
N GLY B 137 -7.33 -12.19 3.49
CA GLY B 137 -6.22 -11.45 2.87
C GLY B 137 -4.87 -12.13 3.09
N VAL B 138 -4.63 -12.61 4.30
CA VAL B 138 -3.39 -13.31 4.60
C VAL B 138 -3.27 -14.56 3.72
N SER B 139 -4.38 -15.26 3.53
CA SER B 139 -4.35 -16.49 2.72
C SER B 139 -4.12 -16.18 1.24
N LYS B 140 -4.63 -15.04 0.78
CA LYS B 140 -4.37 -14.65 -0.61
C LYS B 140 -2.89 -14.28 -0.80
N CYS B 141 -2.29 -13.67 0.21
CA CYS B 141 -0.84 -13.44 0.20
C CYS B 141 -0.10 -14.77 0.10
N PHE B 142 -0.59 -15.79 0.82
CA PHE B 142 0.04 -17.10 0.75
C PHE B 142 0.06 -17.62 -0.68
N GLY B 143 -1.08 -17.49 -1.37
CA GLY B 143 -1.14 -17.86 -2.76
C GLY B 143 -0.12 -17.11 -3.61
N GLU B 144 0.02 -15.81 -3.37
CA GLU B 144 1.01 -15.02 -4.13
C GLU B 144 2.44 -15.49 -3.86
N ASN B 145 2.77 -15.71 -2.58
CA ASN B 145 4.11 -16.15 -2.23
C ASN B 145 4.43 -17.54 -2.78
N LEU B 146 3.47 -18.45 -2.69
CA LEU B 146 3.63 -19.80 -3.24
C LEU B 146 3.85 -19.74 -4.76
N ALA B 147 3.00 -18.96 -5.45
CA ALA B 147 3.11 -18.84 -6.90
C ALA B 147 4.49 -18.33 -7.32
N ARG B 148 4.98 -17.32 -6.60
CA ARG B 148 6.31 -16.75 -6.88
C ARG B 148 7.39 -17.83 -6.72
N MET B 149 7.27 -18.64 -5.68
CA MET B 149 8.25 -19.69 -5.44
C MET B 149 8.24 -20.72 -6.56
N TYR B 150 7.05 -21.13 -7.00
CA TYR B 150 6.96 -22.07 -8.13
C TYR B 150 7.48 -21.44 -9.41
N PHE B 151 7.28 -20.15 -9.56
CA PHE B 151 7.86 -19.46 -10.71
C PHE B 151 9.38 -19.49 -10.71
N ASP B 152 10.00 -19.08 -9.59
CA ASP B 152 11.45 -19.06 -9.48
C ASP B 152 12.07 -20.46 -9.53
N LYS B 153 11.38 -21.45 -8.95
CA LYS B 153 11.95 -22.79 -8.84
C LYS B 153 11.69 -23.66 -10.07
N PHE B 154 10.51 -23.55 -10.67
CA PHE B 154 10.11 -24.43 -11.76
C PHE B 154 9.71 -23.74 -13.06
N GLY B 155 9.54 -22.41 -13.02
CA GLY B 155 9.15 -21.67 -14.20
C GLY B 155 7.65 -21.57 -14.42
N GLN B 156 6.87 -22.09 -13.48
CA GLN B 156 5.41 -21.97 -13.54
C GLN B 156 5.03 -20.49 -13.62
N GLU B 157 4.22 -20.13 -14.61
CA GLU B 157 3.81 -18.72 -14.77
C GLU B 157 2.39 -18.47 -14.24
N THR B 158 2.24 -17.36 -13.52
CA THR B 158 0.98 -16.99 -12.90
C THR B 158 0.76 -15.48 -12.99
N ALA B 159 -0.44 -15.05 -13.34
CA ALA B 159 -0.83 -13.66 -13.15
C ALA B 159 -1.50 -13.52 -11.78
N LEU B 160 -0.93 -12.71 -10.90
CA LEU B 160 -1.46 -12.53 -9.56
C LEU B 160 -2.41 -11.35 -9.58
N VAL B 161 -3.70 -11.62 -9.80
CA VAL B 161 -4.65 -10.55 -10.00
C VAL B 161 -5.29 -10.13 -8.69
N ARG B 162 -4.92 -8.96 -8.20
CA ARG B 162 -5.50 -8.44 -6.97
C ARG B 162 -6.85 -7.79 -7.26
N ILE B 163 -7.90 -8.60 -7.21
CA ILE B 163 -9.22 -8.15 -7.60
C ILE B 163 -9.74 -7.07 -6.67
N GLY B 164 -10.25 -5.98 -7.24
CA GLY B 164 -10.91 -4.95 -6.47
C GLY B 164 -12.35 -5.38 -6.25
N SER B 165 -13.28 -4.79 -7.00
CA SER B 165 -14.70 -5.16 -6.93
C SER B 165 -15.18 -5.54 -8.32
N CYS B 166 -15.17 -6.83 -8.64
CA CYS B 166 -15.56 -7.28 -9.97
C CYS B 166 -17.06 -7.57 -9.95
N THR B 167 -17.83 -6.54 -10.27
CA THR B 167 -19.28 -6.58 -10.19
C THR B 167 -19.86 -6.03 -11.49
N PRO B 168 -21.16 -6.23 -11.71
CA PRO B 168 -21.76 -5.70 -12.93
C PRO B 168 -21.64 -4.17 -13.04
N GLU B 169 -21.81 -3.46 -11.92
CA GLU B 169 -21.71 -2.01 -11.89
C GLU B 169 -21.23 -1.54 -10.52
N PRO B 170 -20.54 -0.39 -10.46
CA PRO B 170 -20.17 0.19 -9.17
C PRO B 170 -21.45 0.59 -8.45
N ASN B 171 -21.56 0.36 -7.15
CA ASN B 171 -22.76 0.80 -6.43
C ASN B 171 -22.54 1.42 -5.06
N ASN B 172 -21.30 1.77 -4.76
CA ASN B 172 -21.01 2.55 -3.56
C ASN B 172 -19.77 3.40 -3.78
N TYR B 173 -19.45 4.29 -2.83
CA TYR B 173 -18.36 5.24 -3.03
C TYR B 173 -17.01 4.56 -3.27
N ARG B 174 -16.75 3.48 -2.54
CA ARG B 174 -15.49 2.75 -2.67
C ARG B 174 -15.34 2.17 -4.08
N MET B 175 -16.44 1.68 -4.67
CA MET B 175 -16.35 1.07 -5.99
C MET B 175 -16.03 2.06 -7.11
N LEU B 176 -16.15 3.35 -6.81
CA LEU B 176 -15.73 4.37 -7.77
C LEU B 176 -14.22 4.23 -8.02
N SER B 177 -13.54 3.62 -7.05
CA SER B 177 -12.12 3.35 -7.15
C SER B 177 -11.80 1.89 -7.46
N THR B 178 -12.56 0.95 -6.90
CA THR B 178 -12.19 -0.47 -6.97
C THR B 178 -12.84 -1.26 -8.09
N TRP B 179 -13.81 -0.65 -8.78
CA TRP B 179 -14.57 -1.39 -9.78
C TRP B 179 -13.70 -2.04 -10.84
N PHE B 180 -13.97 -3.31 -11.12
CA PHE B 180 -13.30 -4.08 -12.15
C PHE B 180 -14.42 -4.65 -13.00
N SER B 181 -14.66 -4.08 -14.17
CA SER B 181 -15.76 -4.53 -15.02
C SER B 181 -15.57 -5.97 -15.50
N HIS B 182 -16.66 -6.65 -15.80
CA HIS B 182 -16.57 -7.97 -16.40
C HIS B 182 -15.76 -7.91 -17.69
N ASP B 183 -16.04 -6.92 -18.54
CA ASP B 183 -15.33 -6.78 -19.81
C ASP B 183 -13.82 -6.68 -19.62
N ASP B 184 -13.40 -5.87 -18.64
CA ASP B 184 -11.99 -5.62 -18.42
C ASP B 184 -11.27 -6.83 -17.80
N PHE B 185 -11.97 -7.60 -16.97
CA PHE B 185 -11.39 -8.82 -16.44
C PHE B 185 -11.24 -9.83 -17.58
N VAL B 186 -12.27 -9.94 -18.43
CA VAL B 186 -12.18 -10.86 -19.55
C VAL B 186 -11.01 -10.50 -20.48
N SER B 187 -10.87 -9.22 -20.79
CA SER B 187 -9.77 -8.81 -21.67
C SER B 187 -8.40 -9.05 -21.02
N LEU B 188 -8.32 -8.86 -19.70
CA LEU B 188 -7.09 -9.17 -18.98
C LEU B 188 -6.72 -10.64 -19.14
N ILE B 189 -7.69 -11.51 -18.91
CA ILE B 189 -7.45 -12.95 -19.04
C ILE B 189 -7.00 -13.31 -20.47
N GLU B 190 -7.62 -12.70 -21.46
CA GLU B 190 -7.21 -12.92 -22.85
C GLU B 190 -5.75 -12.48 -23.06
N ALA B 191 -5.40 -11.34 -22.48
CA ALA B 191 -4.05 -10.80 -22.62
C ALA B 191 -3.03 -11.68 -21.89
N VAL B 192 -3.43 -12.20 -20.73
CA VAL B 192 -2.54 -13.07 -19.99
C VAL B 192 -2.20 -14.32 -20.78
N PHE B 193 -3.22 -14.95 -21.38
CA PHE B 193 -2.99 -16.21 -22.07
C PHE B 193 -2.30 -16.06 -23.42
N ARG B 194 -2.44 -14.91 -24.06
CA ARG B 194 -1.84 -14.70 -25.39
C ARG B 194 -0.34 -14.38 -25.30
N ALA B 195 0.10 -13.88 -24.15
CA ALA B 195 1.48 -13.43 -23.99
C ALA B 195 2.48 -14.57 -24.16
N PRO B 196 3.50 -14.39 -25.03
CA PRO B 196 4.52 -15.43 -25.13
C PRO B 196 5.23 -15.62 -23.79
N VAL B 197 5.52 -14.52 -23.11
CA VAL B 197 6.22 -14.55 -21.82
C VAL B 197 5.42 -13.74 -20.80
N LEU B 198 5.15 -14.34 -19.63
CA LEU B 198 4.33 -13.68 -18.62
C LEU B 198 5.11 -13.37 -17.35
N GLY B 199 5.81 -14.38 -16.83
CA GLY B 199 6.48 -14.27 -15.55
C GLY B 199 5.50 -14.56 -14.41
N CYS B 200 5.62 -13.83 -13.32
CA CYS B 200 4.71 -13.96 -12.19
C CYS B 200 4.32 -12.58 -11.69
N PRO B 201 3.70 -11.75 -12.55
CA PRO B 201 3.43 -10.34 -12.23
C PRO B 201 2.25 -10.13 -11.29
N VAL B 202 2.38 -9.16 -10.40
CA VAL B 202 1.24 -8.64 -9.66
C VAL B 202 0.43 -7.74 -10.59
N VAL B 203 -0.88 -8.00 -10.70
CA VAL B 203 -1.76 -7.19 -11.54
C VAL B 203 -2.85 -6.59 -10.66
N TRP B 204 -3.06 -5.28 -10.74
CA TRP B 204 -4.16 -4.69 -9.99
C TRP B 204 -5.48 -4.89 -10.76
N GLY B 205 -6.44 -5.56 -10.12
CA GLY B 205 -7.69 -5.87 -10.77
C GLY B 205 -8.69 -4.75 -10.65
N ALA B 206 -8.54 -3.75 -11.51
CA ALA B 206 -9.45 -2.63 -11.55
C ALA B 206 -9.55 -2.10 -12.97
N SER B 207 -10.68 -1.50 -13.27
CA SER B 207 -10.88 -0.87 -14.56
C SER B 207 -10.15 0.46 -14.58
N ALA B 208 -10.27 1.20 -15.68
CA ALA B 208 -9.59 2.50 -15.83
C ALA B 208 -10.36 3.60 -15.12
N ASN B 209 -10.48 3.48 -13.80
CA ASN B 209 -11.28 4.41 -13.02
C ASN B 209 -10.55 5.71 -12.73
N ASP B 210 -11.19 6.86 -12.95
CA ASP B 210 -10.59 8.14 -12.59
C ASP B 210 -10.10 8.14 -11.15
N ALA B 211 -10.86 7.50 -10.26
CA ALA B 211 -10.53 7.49 -8.83
C ALA B 211 -9.71 6.28 -8.40
N GLY B 212 -9.13 5.55 -9.36
CA GLY B 212 -8.36 4.35 -9.04
C GLY B 212 -7.20 4.67 -8.12
N TRP B 213 -6.84 3.70 -7.28
CA TRP B 213 -5.78 3.88 -6.28
C TRP B 213 -4.49 3.20 -6.69
N TRP B 214 -4.51 2.44 -7.79
CA TRP B 214 -3.43 1.51 -8.07
C TRP B 214 -2.76 1.77 -9.41
N ASP B 215 -1.45 1.52 -9.45
CA ASP B 215 -0.64 1.79 -10.62
C ASP B 215 -0.25 0.49 -11.32
N ASN B 216 -0.84 0.27 -12.50
CA ASN B 216 -0.54 -0.91 -13.32
C ASN B 216 0.48 -0.63 -14.45
N SER B 217 1.21 0.47 -14.37
CA SER B 217 2.09 0.85 -15.50
C SER B 217 3.18 -0.18 -15.78
N HIS B 218 3.65 -0.89 -14.76
CA HIS B 218 4.75 -1.83 -14.95
C HIS B 218 4.31 -3.07 -15.73
N LEU B 219 3.02 -3.23 -15.88
CA LEU B 219 2.45 -4.35 -16.64
C LEU B 219 2.33 -4.01 -18.12
N GLY B 220 2.87 -2.87 -18.53
CA GLY B 220 2.72 -2.40 -19.90
C GLY B 220 3.01 -3.44 -20.97
N PHE B 221 4.04 -4.25 -20.74
CA PHE B 221 4.48 -5.23 -21.74
C PHE B 221 3.35 -6.16 -22.20
N LEU B 222 2.33 -6.32 -21.36
CA LEU B 222 1.22 -7.22 -21.66
C LEU B 222 0.27 -6.66 -22.72
N GLY B 223 0.27 -5.34 -22.86
CA GLY B 223 -0.59 -4.69 -23.84
C GLY B 223 -2.06 -4.69 -23.46
N TRP B 224 -2.34 -4.81 -22.17
CA TRP B 224 -3.72 -4.76 -21.68
C TRP B 224 -4.04 -3.38 -21.13
N LYS B 225 -5.06 -2.74 -21.71
CA LYS B 225 -5.50 -1.44 -21.24
C LYS B 225 -7.00 -1.51 -20.97
N PRO B 226 -7.39 -1.47 -19.69
CA PRO B 226 -8.83 -1.53 -19.41
C PRO B 226 -9.56 -0.34 -20.02
N LYS B 227 -10.82 -0.55 -20.40
CA LYS B 227 -11.58 0.45 -21.13
C LYS B 227 -12.72 1.05 -20.32
N ASP B 228 -13.19 0.33 -19.31
CA ASP B 228 -14.31 0.84 -18.52
C ASP B 228 -13.84 1.83 -17.46
N ASN B 229 -14.75 2.66 -16.98
CA ASN B 229 -14.40 3.72 -16.04
C ASN B 229 -15.54 3.96 -15.06
N ALA B 230 -15.32 3.63 -13.78
CA ALA B 230 -16.39 3.75 -12.79
C ALA B 230 -16.88 5.19 -12.62
N GLU B 231 -16.05 6.16 -13.01
CA GLU B 231 -16.41 7.56 -12.82
C GLU B 231 -17.74 7.87 -13.52
N ALA B 232 -18.05 7.15 -14.59
CA ALA B 232 -19.30 7.34 -15.30
C ALA B 232 -20.51 7.12 -14.38
N PHE B 233 -20.30 6.41 -13.27
CA PHE B 233 -21.40 6.08 -12.35
C PHE B 233 -21.50 6.99 -11.15
N ARG B 234 -20.62 7.98 -11.02
CA ARG B 234 -20.61 8.79 -9.80
C ARG B 234 -21.94 9.47 -9.50
N ARG B 235 -22.46 10.18 -10.51
CA ARG B 235 -23.73 10.87 -10.37
C ARG B 235 -24.81 9.87 -9.97
N HIS B 236 -24.89 8.77 -10.71
CA HIS B 236 -25.89 7.73 -10.42
C HIS B 236 -25.80 7.25 -8.99
N ILE B 237 -24.59 7.10 -8.48
CA ILE B 237 -24.36 6.62 -7.12
C ILE B 237 -24.80 7.63 -6.05
N THR B 238 -24.51 8.91 -6.29
CA THR B 238 -24.95 9.92 -5.35
C THR B 238 -26.48 10.04 -5.37
N GLU B 239 -27.08 9.76 -6.53
CA GLU B 239 -28.54 9.87 -6.67
C GLU B 239 -29.29 8.68 -6.06
N THR B 240 -28.62 7.55 -5.87
CA THR B 240 -29.32 6.33 -5.49
C THR B 240 -28.85 5.67 -4.21
N THR B 241 -27.89 6.28 -3.53
CA THR B 241 -27.38 5.74 -2.27
C THR B 241 -27.14 6.87 -1.28
N PRO B 242 -27.20 6.57 0.02
CA PRO B 242 -26.92 7.59 1.05
C PRO B 242 -25.45 8.00 1.02
N PRO B 243 -25.15 9.27 1.33
CA PRO B 243 -23.76 9.73 1.36
C PRO B 243 -23.00 8.96 2.43
N PRO B 244 -21.75 8.59 2.16
CA PRO B 244 -20.97 7.83 3.16
C PRO B 244 -20.60 8.71 4.35
N ASP B 245 -20.53 8.09 5.52
CA ASP B 245 -20.02 8.72 6.73
C ASP B 245 -18.50 8.74 6.63
N PRO B 246 -17.88 9.92 6.84
CA PRO B 246 -16.43 10.03 6.67
C PRO B 246 -15.66 9.12 7.62
N ASN B 247 -16.33 8.65 8.67
CA ASN B 247 -15.69 7.77 9.64
C ASN B 247 -15.79 6.30 9.29
N ASP B 248 -16.61 5.98 8.30
CA ASP B 248 -16.79 4.60 7.85
C ASP B 248 -15.56 4.03 7.17
N ALA B 249 -15.18 2.82 7.56
CA ALA B 249 -14.09 2.10 6.91
C ALA B 249 -14.26 2.09 5.38
N LEU B 250 -15.52 2.12 4.94
CA LEU B 250 -15.82 2.09 3.51
C LEU B 250 -15.08 3.17 2.72
N VAL B 251 -14.84 4.31 3.36
CA VAL B 251 -14.15 5.42 2.69
C VAL B 251 -12.82 5.81 3.34
N ARG B 252 -12.28 4.92 4.16
CA ARG B 252 -11.01 5.18 4.85
C ARG B 252 -9.90 4.19 4.50
N PHE B 253 -10.28 2.93 4.32
CA PHE B 253 -9.30 1.87 4.10
C PHE B 253 -9.55 1.19 2.78
N GLN B 254 -8.47 0.77 2.10
CA GLN B 254 -8.62 0.18 0.78
C GLN B 254 -9.41 -1.12 0.83
N GLY B 255 -9.31 -1.83 1.96
CA GLY B 255 -10.10 -3.04 2.16
C GLY B 255 -11.54 -2.80 2.61
N GLY B 256 -11.92 -1.53 2.73
CA GLY B 256 -13.26 -1.18 3.17
C GLY B 256 -13.61 -1.81 4.51
N THR B 257 -14.83 -2.33 4.63
CA THR B 257 -15.33 -2.82 5.92
C THR B 257 -14.61 -4.08 6.42
N PHE B 258 -13.82 -4.72 5.57
CA PHE B 258 -13.04 -5.87 6.02
C PHE B 258 -12.14 -5.53 7.21
N VAL B 259 -11.65 -4.30 7.29
CA VAL B 259 -10.82 -3.94 8.44
C VAL B 259 -11.59 -4.07 9.75
N ASP B 260 -12.90 -3.90 9.68
CA ASP B 260 -13.74 -3.97 10.89
C ASP B 260 -14.06 -5.41 11.29
N ASN B 261 -13.82 -6.39 10.41
CA ASN B 261 -14.09 -7.79 10.74
C ASN B 261 -13.28 -8.26 11.94
N PRO B 262 -13.92 -9.02 12.85
CA PRO B 262 -13.13 -9.69 13.88
C PRO B 262 -12.52 -10.95 13.28
N ILE B 263 -11.79 -11.71 14.09
CA ILE B 263 -11.40 -13.05 13.70
C ILE B 263 -12.62 -13.93 13.90
N PHE B 264 -13.19 -14.46 12.81
CA PHE B 264 -14.39 -15.27 12.94
C PHE B 264 -14.07 -16.66 13.46
N LYS B 265 -14.96 -17.17 14.31
CA LYS B 265 -14.79 -18.50 14.87
C LYS B 265 -15.93 -19.39 14.38
N GLN B 266 -15.67 -20.68 14.25
CA GLN B 266 -16.68 -21.59 13.73
C GLN B 266 -17.80 -21.84 14.75
N ALA C 2 13.75 -7.35 32.85
CA ALA C 2 12.95 -6.93 31.70
C ALA C 2 11.47 -7.30 31.83
N MET C 3 11.19 -8.43 32.49
CA MET C 3 9.81 -8.91 32.64
C MET C 3 9.69 -10.06 33.62
N LYS C 4 8.47 -10.40 34.01
CA LYS C 4 8.27 -11.50 34.96
C LYS C 4 8.51 -12.86 34.31
N ARG C 5 7.86 -13.09 33.18
CA ARG C 5 7.97 -14.40 32.52
C ARG C 5 8.14 -14.25 31.02
N LEU C 6 9.17 -14.89 30.48
CA LEU C 6 9.46 -14.88 29.06
C LEU C 6 9.32 -16.29 28.51
N LEU C 7 8.56 -16.43 27.43
CA LEU C 7 8.40 -17.73 26.76
C LEU C 7 9.41 -17.88 25.63
N VAL C 8 10.09 -19.01 25.57
CA VAL C 8 10.93 -19.34 24.43
C VAL C 8 10.41 -20.64 23.83
N THR C 9 9.84 -20.58 22.63
CA THR C 9 9.39 -21.78 21.94
C THR C 9 10.57 -22.35 21.15
N GLY C 10 10.41 -23.56 20.62
CA GLY C 10 11.49 -24.26 19.95
C GLY C 10 12.70 -24.44 20.86
N ALA C 11 12.47 -24.54 22.16
CA ALA C 11 13.55 -24.51 23.13
C ALA C 11 14.47 -25.73 23.13
N ALA C 12 14.05 -26.81 22.47
CA ALA C 12 14.86 -28.01 22.41
C ALA C 12 15.82 -27.97 21.22
N GLY C 13 15.60 -27.02 20.31
CA GLY C 13 16.40 -26.91 19.09
C GLY C 13 17.76 -26.26 19.28
N GLN C 14 18.53 -26.18 18.20
CA GLN C 14 19.89 -25.67 18.28
C GLN C 14 19.92 -24.24 18.85
N LEU C 15 19.13 -23.36 18.26
CA LEU C 15 19.06 -21.99 18.74
C LEU C 15 18.34 -21.89 20.07
N GLY C 16 17.29 -22.68 20.26
CA GLY C 16 16.56 -22.66 21.52
C GLY C 16 17.44 -22.98 22.72
N ARG C 17 18.33 -23.97 22.57
CA ARG C 17 19.18 -24.36 23.68
C ARG C 17 20.12 -23.21 24.06
N VAL C 18 20.56 -22.46 23.07
CA VAL C 18 21.39 -21.28 23.32
C VAL C 18 20.60 -20.21 24.08
N MET C 19 19.41 -19.90 23.61
CA MET C 19 18.61 -18.85 24.21
C MET C 19 18.11 -19.21 25.62
N ARG C 20 17.89 -20.49 25.87
CA ARG C 20 17.50 -20.95 27.19
C ARG C 20 18.55 -20.49 28.20
N GLU C 21 19.82 -20.55 27.79
CA GLU C 21 20.91 -20.06 28.64
C GLU C 21 21.04 -18.53 28.61
N ARG C 22 21.13 -17.97 27.40
CA ARG C 22 21.48 -16.55 27.24
C ARG C 22 20.37 -15.56 27.62
N LEU C 23 19.11 -15.97 27.55
CA LEU C 23 18.00 -15.06 27.88
C LEU C 23 17.54 -15.13 29.34
N ALA C 24 18.14 -16.02 30.12
CA ALA C 24 17.75 -16.17 31.52
C ALA C 24 17.75 -14.85 32.31
N PRO C 25 18.76 -13.98 32.10
CA PRO C 25 18.78 -12.70 32.82
C PRO C 25 17.66 -11.72 32.45
N MET C 26 16.93 -11.99 31.36
CA MET C 26 15.88 -11.07 30.90
C MET C 26 14.57 -11.17 31.66
N ALA C 27 14.39 -12.25 32.40
CA ALA C 27 13.13 -12.44 33.11
C ALA C 27 13.32 -13.21 34.39
N GLU C 28 12.39 -13.03 35.31
CA GLU C 28 12.41 -13.78 36.55
C GLU C 28 12.24 -15.27 36.26
N ILE C 29 11.30 -15.58 35.37
CA ILE C 29 11.04 -16.98 35.01
C ILE C 29 11.14 -17.14 33.50
N LEU C 30 11.92 -18.11 33.04
CA LEU C 30 11.94 -18.48 31.64
C LEU C 30 11.07 -19.73 31.44
N ARG C 31 10.05 -19.63 30.60
CA ARG C 31 9.27 -20.82 30.23
C ARG C 31 9.73 -21.34 28.88
N LEU C 32 10.18 -22.58 28.86
CA LEU C 32 10.70 -23.20 27.65
C LEU C 32 9.65 -24.16 27.11
N ALA C 33 9.43 -24.13 25.81
CA ALA C 33 8.44 -25.01 25.18
C ALA C 33 9.01 -25.66 23.94
N ASP C 34 8.62 -26.91 23.70
CA ASP C 34 9.00 -27.58 22.48
C ASP C 34 8.08 -28.78 22.24
N LEU C 35 8.01 -29.20 20.97
CA LEU C 35 7.33 -30.44 20.61
C LEU C 35 8.06 -31.62 21.26
N SER C 36 9.39 -31.52 21.27
CA SER C 36 10.26 -32.60 21.72
C SER C 36 10.66 -32.44 23.18
N PRO C 37 11.25 -33.49 23.77
CA PRO C 37 11.61 -33.48 25.20
C PRO C 37 12.60 -32.39 25.55
N LEU C 38 12.37 -31.73 26.68
CA LEU C 38 13.26 -30.68 27.16
C LEU C 38 14.03 -31.19 28.38
N ASP C 39 15.28 -30.79 28.51
CA ASP C 39 16.01 -31.03 29.76
C ASP C 39 15.20 -30.41 30.87
N PRO C 40 15.11 -31.09 32.02
CA PRO C 40 14.26 -30.70 33.14
C PRO C 40 14.47 -29.27 33.61
N ALA C 41 13.39 -28.63 34.06
CA ALA C 41 13.45 -27.25 34.51
C ALA C 41 14.36 -27.09 35.72
N GLY C 42 15.20 -26.08 35.69
CA GLY C 42 15.98 -25.71 36.85
C GLY C 42 15.29 -24.60 37.60
N PRO C 43 15.99 -24.01 38.58
CA PRO C 43 15.40 -22.86 39.25
C PRO C 43 15.11 -21.80 38.20
N ASN C 44 14.05 -21.04 38.39
CA ASN C 44 13.72 -19.96 37.49
C ASN C 44 13.28 -20.43 36.11
N GLU C 45 13.04 -21.73 35.94
CA GLU C 45 12.51 -22.26 34.67
C GLU C 45 11.19 -22.99 34.82
N GLU C 46 10.41 -23.00 33.75
CA GLU C 46 9.26 -23.88 33.57
C GLU C 46 9.45 -24.54 32.21
N CYS C 47 9.08 -25.80 32.08
CA CYS C 47 9.22 -26.49 30.79
C CYS C 47 7.89 -27.13 30.42
N VAL C 48 7.49 -26.98 29.16
CA VAL C 48 6.23 -27.55 28.69
C VAL C 48 6.48 -28.20 27.33
N GLN C 49 5.93 -29.39 27.11
CA GLN C 49 6.10 -30.11 25.85
C GLN C 49 4.75 -30.22 25.12
N CYS C 50 4.67 -29.61 23.93
CA CYS C 50 3.41 -29.60 23.18
C CYS C 50 3.63 -29.24 21.72
N ASP C 51 2.63 -29.57 20.90
CA ASP C 51 2.64 -29.27 19.49
C ASP C 51 1.94 -27.92 19.25
N LEU C 52 2.58 -27.05 18.48
CA LEU C 52 2.00 -25.73 18.19
C LEU C 52 0.67 -25.84 17.45
N ALA C 53 0.44 -26.99 16.83
CA ALA C 53 -0.79 -27.21 16.07
C ALA C 53 -2.01 -27.40 16.98
N ASP C 54 -1.78 -27.62 18.26
CA ASP C 54 -2.87 -27.90 19.22
C ASP C 54 -3.25 -26.66 20.03
N ALA C 55 -4.38 -26.06 19.71
CA ALA C 55 -4.73 -24.73 20.24
C ALA C 55 -4.82 -24.66 21.76
N ASN C 56 -5.45 -25.65 22.39
CA ASN C 56 -5.50 -25.71 23.86
C ASN C 56 -4.12 -25.67 24.50
N ALA C 57 -3.18 -26.41 23.92
CA ALA C 57 -1.82 -26.45 24.45
C ALA C 57 -1.13 -25.09 24.30
N VAL C 58 -1.30 -24.48 23.13
CA VAL C 58 -0.67 -23.18 22.88
C VAL C 58 -1.24 -22.09 23.80
N ASN C 59 -2.54 -22.14 24.06
CA ASN C 59 -3.15 -21.24 25.04
C ASN C 59 -2.50 -21.35 26.41
N ALA C 60 -2.28 -22.58 26.87
CA ALA C 60 -1.64 -22.81 28.16
C ALA C 60 -0.17 -22.36 28.15
N MET C 61 0.48 -22.57 27.01
CA MET C 61 1.89 -22.20 26.86
C MET C 61 2.09 -20.68 27.00
N VAL C 62 1.17 -19.92 26.42
CA VAL C 62 1.29 -18.47 26.37
C VAL C 62 0.78 -17.78 27.64
N ALA C 63 -0.26 -18.36 28.23
CA ALA C 63 -0.91 -17.74 29.40
C ALA C 63 0.10 -17.39 30.49
N GLY C 64 0.08 -16.14 30.92
CA GLY C 64 0.97 -15.68 31.99
C GLY C 64 2.33 -15.17 31.55
N CYS C 65 2.57 -15.16 30.24
CA CYS C 65 3.85 -14.72 29.72
C CYS C 65 3.81 -13.26 29.31
N ASP C 66 4.92 -12.55 29.53
CA ASP C 66 4.99 -11.12 29.22
C ASP C 66 5.65 -10.86 27.87
N GLY C 67 6.25 -11.90 27.31
CA GLY C 67 6.93 -11.79 26.03
C GLY C 67 7.19 -13.17 25.48
N ILE C 68 7.40 -13.24 24.17
CA ILE C 68 7.61 -14.51 23.50
C ILE C 68 8.74 -14.39 22.51
N VAL C 69 9.71 -15.31 22.61
CA VAL C 69 10.69 -15.48 21.54
C VAL C 69 10.32 -16.76 20.80
N HIS C 70 9.75 -16.59 19.60
CA HIS C 70 9.16 -17.73 18.89
C HIS C 70 10.14 -18.37 17.92
N LEU C 71 10.86 -19.38 18.41
CA LEU C 71 11.83 -20.11 17.60
C LEU C 71 11.27 -21.43 17.09
N GLY C 72 10.17 -21.89 17.70
CA GLY C 72 9.62 -23.19 17.37
C GLY C 72 9.00 -23.24 15.99
N GLY C 73 9.21 -24.34 15.29
CA GLY C 73 8.68 -24.50 13.95
C GLY C 73 9.68 -25.22 13.04
N ILE C 74 9.42 -25.21 11.75
CA ILE C 74 10.27 -25.86 10.77
C ILE C 74 11.10 -24.79 10.06
N SER C 75 12.42 -24.87 10.17
CA SER C 75 13.28 -23.89 9.51
C SER C 75 14.12 -24.45 8.36
N VAL C 76 13.96 -25.74 8.07
CA VAL C 76 14.59 -26.33 6.89
C VAL C 76 13.52 -26.89 5.97
N GLU C 77 13.86 -27.17 4.72
CA GLU C 77 12.83 -27.61 3.80
C GLU C 77 12.36 -29.03 4.16
N LYS C 78 11.05 -29.19 4.24
CA LYS C 78 10.41 -30.44 4.60
C LYS C 78 9.12 -30.55 3.81
N PRO C 79 8.45 -31.71 3.86
CA PRO C 79 7.15 -31.87 3.22
C PRO C 79 6.11 -30.90 3.77
N PHE C 80 5.13 -30.57 2.94
CA PHE C 80 4.14 -29.55 3.25
C PHE C 80 3.38 -29.89 4.54
N GLU C 81 3.07 -31.16 4.73
CA GLU C 81 2.31 -31.59 5.90
C GLU C 81 2.94 -31.11 7.22
N GLN C 82 4.24 -31.29 7.35
CA GLN C 82 4.94 -30.90 8.57
C GLN C 82 4.97 -29.39 8.75
N ILE C 83 5.21 -28.68 7.65
CA ILE C 83 5.28 -27.22 7.64
C ILE C 83 3.92 -26.62 8.01
N LEU C 84 2.87 -27.22 7.46
CA LEU C 84 1.53 -26.77 7.74
C LEU C 84 1.25 -26.79 9.25
N GLN C 85 1.65 -27.87 9.91
CA GLN C 85 1.40 -28.00 11.34
C GLN C 85 2.16 -26.96 12.16
N GLY C 86 3.48 -26.90 11.96
CA GLY C 86 4.31 -26.08 12.83
C GLY C 86 4.33 -24.59 12.49
N ASN C 87 4.19 -24.26 11.20
CA ASN C 87 4.47 -22.90 10.75
C ASN C 87 3.23 -22.13 10.28
N ILE C 88 2.16 -22.86 9.98
CA ILE C 88 0.96 -22.20 9.49
C ILE C 88 -0.15 -22.29 10.54
N ILE C 89 -0.64 -23.50 10.80
CA ILE C 89 -1.59 -23.68 11.90
C ILE C 89 -0.95 -23.22 13.22
N GLY C 90 0.32 -23.56 13.42
CA GLY C 90 1.02 -23.19 14.64
C GLY C 90 1.08 -21.69 14.86
N LEU C 91 1.29 -20.94 13.79
CA LEU C 91 1.35 -19.49 13.88
C LEU C 91 0.00 -18.87 14.20
N TYR C 92 -1.04 -19.37 13.55
CA TYR C 92 -2.39 -18.91 13.86
C TYR C 92 -2.69 -19.14 15.35
N ASN C 93 -2.38 -20.34 15.84
CA ASN C 93 -2.62 -20.66 17.24
C ASN C 93 -1.84 -19.73 18.19
N LEU C 94 -0.59 -19.45 17.84
CA LEU C 94 0.25 -18.56 18.67
C LEU C 94 -0.34 -17.16 18.74
N TYR C 95 -0.75 -16.61 17.59
CA TYR C 95 -1.31 -15.26 17.58
C TYR C 95 -2.67 -15.18 18.28
N GLU C 96 -3.50 -16.21 18.15
CA GLU C 96 -4.76 -16.25 18.90
C GLU C 96 -4.54 -16.36 20.41
N ALA C 97 -3.57 -17.17 20.82
CA ALA C 97 -3.25 -17.30 22.23
C ALA C 97 -2.73 -15.97 22.78
N ALA C 98 -1.85 -15.32 22.04
CA ALA C 98 -1.37 -14.01 22.47
C ALA C 98 -2.51 -13.00 22.59
N ARG C 99 -3.42 -13.00 21.61
CA ARG C 99 -4.54 -12.08 21.61
C ARG C 99 -5.43 -12.28 22.84
N ALA C 100 -5.56 -13.52 23.28
CA ALA C 100 -6.38 -13.87 24.44
C ALA C 100 -5.68 -13.64 25.79
N HIS C 101 -4.38 -13.34 25.74
CA HIS C 101 -3.60 -13.23 26.97
C HIS C 101 -2.73 -11.98 27.04
N GLY C 102 -3.31 -10.84 26.68
CA GLY C 102 -2.63 -9.56 26.91
C GLY C 102 -1.65 -9.13 25.83
N GLN C 103 -1.64 -9.85 24.72
CA GLN C 103 -0.75 -9.50 23.58
C GLN C 103 0.70 -9.26 23.97
N PRO C 104 1.34 -10.25 24.60
CA PRO C 104 2.76 -10.16 24.91
C PRO C 104 3.55 -9.96 23.62
N ARG C 105 4.53 -9.07 23.65
CA ARG C 105 5.32 -8.76 22.46
C ARG C 105 6.06 -10.00 21.95
N ILE C 106 6.11 -10.17 20.63
CA ILE C 106 6.70 -11.37 20.03
C ILE C 106 7.95 -11.06 19.20
N VAL C 107 9.02 -11.83 19.42
CA VAL C 107 10.14 -11.86 18.49
C VAL C 107 9.94 -13.12 17.65
N PHE C 108 9.69 -12.94 16.36
CA PHE C 108 9.40 -14.06 15.47
C PHE C 108 10.66 -14.42 14.68
N ALA C 109 11.05 -15.69 14.75
CA ALA C 109 12.14 -16.19 13.91
C ALA C 109 11.62 -16.39 12.50
N SER C 110 11.65 -15.34 11.69
CA SER C 110 11.43 -15.51 10.26
C SER C 110 12.75 -16.01 9.69
N SER C 111 12.95 -15.84 8.39
CA SER C 111 14.10 -16.48 7.77
C SER C 111 14.56 -15.72 6.52
N ASN C 112 15.85 -15.75 6.24
CA ASN C 112 16.35 -15.30 4.93
C ASN C 112 15.71 -16.06 3.79
N HIS C 113 15.17 -17.26 4.06
CA HIS C 113 14.55 -18.04 2.99
C HIS C 113 13.28 -17.42 2.42
N THR C 114 12.77 -16.39 3.07
CA THR C 114 11.67 -15.59 2.51
C THR C 114 12.12 -14.83 1.26
N ILE C 115 13.43 -14.64 1.13
CA ILE C 115 13.98 -13.87 0.01
C ILE C 115 15.12 -14.63 -0.67
N GLY C 116 15.12 -15.96 -0.50
CA GLY C 116 16.21 -16.80 -0.94
C GLY C 116 16.58 -16.75 -2.42
N TYR C 117 15.63 -16.39 -3.28
CA TYR C 117 15.90 -16.37 -4.73
C TYR C 117 16.57 -15.08 -5.24
N TYR C 118 16.71 -14.06 -4.39
CA TYR C 118 17.48 -12.88 -4.80
C TYR C 118 18.96 -13.26 -5.01
N PRO C 119 19.60 -12.64 -6.01
CA PRO C 119 21.04 -12.85 -6.19
C PRO C 119 21.81 -12.27 -5.03
N GLN C 120 22.97 -12.85 -4.73
CA GLN C 120 23.79 -12.37 -3.63
C GLN C 120 24.37 -10.97 -3.90
N THR C 121 24.39 -10.57 -5.17
CA THR C 121 24.92 -9.27 -5.54
C THR C 121 23.95 -8.12 -5.29
N GLU C 122 22.71 -8.44 -4.91
CA GLU C 122 21.70 -7.38 -4.73
C GLU C 122 21.51 -7.03 -3.25
N ARG C 123 21.71 -5.76 -2.90
CA ARG C 123 21.50 -5.32 -1.52
C ARG C 123 20.01 -5.11 -1.27
N LEU C 124 19.48 -5.60 -0.15
CA LEU C 124 18.04 -5.56 0.10
C LEU C 124 17.65 -4.70 1.30
N GLY C 125 16.66 -3.84 1.10
CA GLY C 125 16.01 -3.16 2.20
C GLY C 125 14.82 -3.98 2.69
N PRO C 126 14.21 -3.57 3.80
CA PRO C 126 13.14 -4.36 4.44
C PRO C 126 11.84 -4.46 3.63
N ASP C 127 11.68 -3.62 2.61
CA ASP C 127 10.41 -3.58 1.88
C ASP C 127 10.40 -4.39 0.58
N VAL C 128 11.49 -5.11 0.28
CA VAL C 128 11.54 -5.84 -0.99
C VAL C 128 10.46 -6.92 -1.05
N PRO C 129 9.92 -7.16 -2.25
CA PRO C 129 8.95 -8.25 -2.39
C PRO C 129 9.59 -9.59 -2.05
N ALA C 130 8.81 -10.47 -1.44
CA ALA C 130 9.32 -11.80 -1.08
C ALA C 130 9.69 -12.61 -2.32
N ARG C 131 10.76 -13.39 -2.20
CA ARG C 131 11.10 -14.38 -3.22
C ARG C 131 11.54 -15.68 -2.51
N PRO C 132 10.56 -16.40 -1.93
CA PRO C 132 10.84 -17.57 -1.09
C PRO C 132 11.49 -18.70 -1.88
N ASP C 133 12.42 -19.43 -1.26
CA ASP C 133 13.14 -20.46 -1.99
C ASP C 133 12.61 -21.87 -1.78
N GLY C 134 11.46 -21.99 -1.12
CA GLY C 134 10.83 -23.28 -0.92
C GLY C 134 9.61 -23.14 -0.01
N LEU C 135 9.01 -24.26 0.37
CA LEU C 135 7.84 -24.22 1.23
C LEU C 135 8.13 -23.65 2.61
N ALA C 136 9.33 -23.88 3.13
CA ALA C 136 9.69 -23.32 4.43
C ALA C 136 9.67 -21.80 4.33
N GLY C 137 10.31 -21.26 3.29
CA GLY C 137 10.32 -19.84 3.07
C GLY C 137 8.91 -19.26 2.90
N VAL C 138 8.07 -19.93 2.10
CA VAL C 138 6.70 -19.47 1.90
C VAL C 138 5.96 -19.43 3.24
N SER C 139 6.22 -20.43 4.09
CA SER C 139 5.54 -20.50 5.37
C SER C 139 6.03 -19.43 6.34
N LYS C 140 7.29 -19.02 6.24
CA LYS C 140 7.76 -17.91 7.08
C LYS C 140 7.14 -16.59 6.61
N CYS C 141 6.94 -16.45 5.30
CA CYS C 141 6.18 -15.30 4.77
C CYS C 141 4.77 -15.29 5.36
N PHE C 142 4.17 -16.46 5.50
CA PHE C 142 2.83 -16.53 6.07
C PHE C 142 2.86 -15.93 7.48
N GLY C 143 3.85 -16.34 8.28
CA GLY C 143 4.01 -15.81 9.62
C GLY C 143 4.14 -14.29 9.63
N GLU C 144 4.95 -13.75 8.72
CA GLU C 144 5.09 -12.29 8.61
C GLU C 144 3.78 -11.60 8.25
N ASN C 145 3.04 -12.17 7.30
CA ASN C 145 1.80 -11.55 6.85
C ASN C 145 0.73 -11.61 7.94
N LEU C 146 0.68 -12.75 8.61
CA LEU C 146 -0.25 -12.91 9.72
C LEU C 146 0.08 -11.94 10.85
N ALA C 147 1.37 -11.83 11.20
CA ALA C 147 1.77 -10.90 12.25
C ALA C 147 1.38 -9.47 11.89
N ARG C 148 1.56 -9.09 10.63
CA ARG C 148 1.24 -7.73 10.22
C ARG C 148 -0.26 -7.47 10.34
N MET C 149 -1.07 -8.44 9.96
CA MET C 149 -2.52 -8.32 10.10
C MET C 149 -2.93 -8.13 11.58
N TYR C 150 -2.35 -8.92 12.47
CA TYR C 150 -2.67 -8.79 13.91
C TYR C 150 -2.16 -7.46 14.48
N PHE C 151 -1.08 -6.94 13.91
CA PHE C 151 -0.62 -5.63 14.32
C PHE C 151 -1.61 -4.54 13.90
N ASP C 152 -1.97 -4.52 12.61
CA ASP C 152 -2.91 -3.51 12.10
C ASP C 152 -4.31 -3.63 12.73
N LYS C 153 -4.75 -4.86 12.99
CA LYS C 153 -6.12 -5.07 13.48
C LYS C 153 -6.23 -4.96 15.01
N PHE C 154 -5.23 -5.44 15.74
CA PHE C 154 -5.32 -5.51 17.20
C PHE C 154 -4.22 -4.79 17.97
N GLY C 155 -3.18 -4.33 17.27
CA GLY C 155 -2.06 -3.68 17.93
C GLY C 155 -0.99 -4.62 18.46
N GLN C 156 -1.12 -5.92 18.17
CA GLN C 156 -0.10 -6.90 18.56
C GLN C 156 1.23 -6.52 17.91
N GLU C 157 2.28 -6.40 18.72
CA GLU C 157 3.61 -6.02 18.21
C GLU C 157 4.51 -7.23 18.03
N THR C 158 5.23 -7.26 16.91
CA THR C 158 6.11 -8.37 16.57
C THR C 158 7.36 -7.83 15.86
N ALA C 159 8.53 -8.36 16.23
CA ALA C 159 9.74 -8.13 15.43
C ALA C 159 9.88 -9.32 14.48
N LEU C 160 9.85 -9.05 13.18
CA LEU C 160 9.97 -10.10 12.17
C LEU C 160 11.43 -10.28 11.81
N VAL C 161 12.10 -11.18 12.51
CA VAL C 161 13.56 -11.31 12.35
C VAL C 161 13.89 -12.33 11.27
N ARG C 162 14.36 -11.83 10.13
CA ARG C 162 14.76 -12.70 9.04
C ARG C 162 16.17 -13.21 9.29
N ILE C 163 16.25 -14.33 10.00
CA ILE C 163 17.53 -14.87 10.45
C ILE C 163 18.40 -15.31 9.29
N GLY C 164 19.68 -14.93 9.35
CA GLY C 164 20.65 -15.38 8.37
C GLY C 164 21.16 -16.75 8.76
N SER C 165 22.38 -16.81 9.30
CA SER C 165 22.96 -18.06 9.78
C SER C 165 23.40 -17.86 11.21
N CYS C 166 22.57 -18.26 12.16
CA CYS C 166 22.89 -18.02 13.56
C CYS C 166 23.63 -19.24 14.12
N THR C 167 24.96 -19.17 14.10
CA THR C 167 25.81 -20.30 14.45
C THR C 167 26.94 -19.81 15.32
N PRO C 168 27.69 -20.73 15.95
CA PRO C 168 28.83 -20.29 16.75
C PRO C 168 29.85 -19.50 15.94
N GLU C 169 30.05 -19.88 14.68
CA GLU C 169 30.95 -19.13 13.81
C GLU C 169 30.63 -19.34 12.33
N PRO C 170 31.04 -18.41 11.46
CA PRO C 170 30.83 -18.67 10.02
C PRO C 170 31.69 -19.84 9.60
N ASN C 171 31.19 -20.74 8.76
CA ASN C 171 32.03 -21.84 8.32
C ASN C 171 31.98 -22.13 6.82
N ASN C 172 31.39 -21.22 6.06
CA ASN C 172 31.48 -21.28 4.60
C ASN C 172 31.38 -19.88 4.00
N TYR C 173 31.55 -19.78 2.68
CA TYR C 173 31.63 -18.48 2.04
C TYR C 173 30.36 -17.65 2.23
N ARG C 174 29.21 -18.31 2.14
CA ARG C 174 27.93 -17.61 2.27
C ARG C 174 27.79 -16.97 3.66
N MET C 175 28.30 -17.66 4.68
CA MET C 175 28.18 -17.16 6.05
C MET C 175 29.02 -15.91 6.33
N LEU C 176 29.99 -15.60 5.46
CA LEU C 176 30.69 -14.33 5.60
C LEU C 176 29.72 -13.17 5.42
N SER C 177 28.59 -13.47 4.78
CA SER C 177 27.53 -12.46 4.61
C SER C 177 26.35 -12.65 5.56
N THR C 178 25.98 -13.90 5.82
CA THR C 178 24.74 -14.19 6.56
C THR C 178 24.93 -14.44 8.06
N TRP C 179 26.18 -14.55 8.52
CA TRP C 179 26.40 -14.86 9.95
C TRP C 179 25.68 -13.91 10.89
N PHE C 180 24.99 -14.49 11.87
CA PHE C 180 24.28 -13.74 12.91
C PHE C 180 24.79 -14.34 14.22
N SER C 181 25.68 -13.64 14.90
CA SER C 181 26.31 -14.21 16.10
C SER C 181 25.28 -14.36 17.23
N HIS C 182 25.53 -15.29 18.16
CA HIS C 182 24.71 -15.40 19.35
C HIS C 182 24.61 -14.08 20.11
N ASP C 183 25.76 -13.42 20.32
CA ASP C 183 25.79 -12.14 21.01
C ASP C 183 24.87 -11.10 20.36
N ASP C 184 24.91 -11.02 19.03
CA ASP C 184 24.12 -10.01 18.32
C ASP C 184 22.62 -10.33 18.30
N PHE C 185 22.27 -11.61 18.27
CA PHE C 185 20.85 -12.00 18.38
C PHE C 185 20.34 -11.70 19.79
N VAL C 186 21.14 -12.02 20.81
CA VAL C 186 20.76 -11.69 22.17
C VAL C 186 20.55 -10.18 22.36
N SER C 187 21.49 -9.36 21.87
CA SER C 187 21.32 -7.90 22.01
C SER C 187 20.12 -7.37 21.23
N LEU C 188 19.81 -7.97 20.07
CA LEU C 188 18.60 -7.59 19.32
C LEU C 188 17.35 -7.86 20.15
N ILE C 189 17.31 -9.04 20.76
CA ILE C 189 16.14 -9.42 21.58
C ILE C 189 15.99 -8.47 22.75
N GLU C 190 17.11 -8.11 23.36
CA GLU C 190 17.07 -7.09 24.41
C GLU C 190 16.55 -5.74 23.91
N ALA C 191 16.97 -5.32 22.72
CA ALA C 191 16.52 -4.03 22.18
C ALA C 191 15.04 -4.06 21.80
N VAL C 192 14.57 -5.23 21.37
CA VAL C 192 13.17 -5.37 21.00
C VAL C 192 12.29 -5.23 22.23
N PHE C 193 12.65 -5.91 23.31
CA PHE C 193 11.79 -5.90 24.48
C PHE C 193 11.85 -4.59 25.28
N ARG C 194 12.95 -3.85 25.17
CA ARG C 194 13.07 -2.59 25.93
C ARG C 194 12.32 -1.44 25.28
N ALA C 195 12.03 -1.55 23.99
CA ALA C 195 11.45 -0.44 23.25
C ALA C 195 10.02 -0.10 23.73
N PRO C 196 9.76 1.17 24.05
CA PRO C 196 8.39 1.52 24.42
C PRO C 196 7.43 1.21 23.28
N VAL C 197 7.85 1.53 22.06
CA VAL C 197 7.04 1.29 20.87
C VAL C 197 7.86 0.49 19.87
N LEU C 198 7.29 -0.58 19.35
CA LEU C 198 7.98 -1.42 18.38
C LEU C 198 7.34 -1.39 17.01
N GLY C 199 6.02 -1.59 16.95
CA GLY C 199 5.34 -1.79 15.68
C GLY C 199 5.44 -3.24 15.20
N CYS C 200 5.57 -3.42 13.89
CA CYS C 200 5.76 -4.76 13.32
C CYS C 200 6.87 -4.75 12.28
N PRO C 201 8.09 -4.38 12.69
CA PRO C 201 9.18 -4.17 11.71
C PRO C 201 9.82 -5.46 11.21
N VAL C 202 10.22 -5.45 9.95
CA VAL C 202 11.11 -6.46 9.40
C VAL C 202 12.52 -6.15 9.90
N VAL C 203 13.19 -7.16 10.43
CA VAL C 203 14.55 -6.99 10.93
C VAL C 203 15.45 -8.00 10.24
N TRP C 204 16.54 -7.52 9.64
CA TRP C 204 17.48 -8.46 9.01
C TRP C 204 18.39 -9.05 10.07
N GLY C 205 18.35 -10.38 10.21
CA GLY C 205 19.08 -11.05 11.28
C GLY C 205 20.50 -11.41 10.87
N ALA C 206 21.38 -10.42 10.91
CA ALA C 206 22.80 -10.65 10.62
C ALA C 206 23.64 -9.74 11.51
N SER C 207 24.88 -10.16 11.75
CA SER C 207 25.83 -9.33 12.49
C SER C 207 26.34 -8.23 11.57
N ALA C 208 27.27 -7.41 12.04
CA ALA C 208 27.77 -6.28 11.25
C ALA C 208 28.89 -6.77 10.31
N ASN C 209 28.51 -7.58 9.35
CA ASN C 209 29.46 -8.25 8.48
C ASN C 209 29.88 -7.33 7.34
N ASP C 210 31.17 -7.25 7.05
CA ASP C 210 31.62 -6.43 5.91
C ASP C 210 30.89 -6.86 4.62
N ALA C 211 30.68 -8.15 4.43
CA ALA C 211 30.01 -8.65 3.22
C ALA C 211 28.49 -8.82 3.36
N GLY C 212 27.89 -8.16 4.33
CA GLY C 212 26.44 -8.22 4.50
C GLY C 212 25.66 -7.74 3.29
N TRP C 213 24.49 -8.36 3.06
CA TRP C 213 23.65 -8.05 1.91
C TRP C 213 22.45 -7.16 2.25
N TRP C 214 22.25 -6.87 3.54
CA TRP C 214 20.98 -6.33 4.02
C TRP C 214 21.08 -5.00 4.78
N ASP C 215 20.05 -4.18 4.62
CA ASP C 215 20.02 -2.81 5.14
C ASP C 215 19.02 -2.68 6.28
N ASN C 216 19.51 -2.51 7.50
CA ASN C 216 18.68 -2.31 8.70
C ASN C 216 18.59 -0.85 9.12
N SER C 217 18.98 0.08 8.25
CA SER C 217 19.03 1.48 8.67
C SER C 217 17.68 2.01 9.15
N HIS C 218 16.60 1.54 8.53
CA HIS C 218 15.28 2.03 8.91
C HIS C 218 14.83 1.61 10.31
N LEU C 219 15.56 0.68 10.92
CA LEU C 219 15.28 0.22 12.28
C LEU C 219 16.05 1.06 13.31
N GLY C 220 16.64 2.17 12.87
CA GLY C 220 17.48 2.98 13.74
C GLY C 220 16.83 3.34 15.09
N PHE C 221 15.54 3.65 15.07
CA PHE C 221 14.83 4.05 16.28
C PHE C 221 15.02 3.07 17.45
N LEU C 222 15.31 1.81 17.13
CA LEU C 222 15.43 0.78 18.17
C LEU C 222 16.77 0.92 18.91
N GLY C 223 17.76 1.51 18.27
CA GLY C 223 19.06 1.71 18.91
C GLY C 223 19.89 0.44 19.03
N TRP C 224 19.65 -0.51 18.14
CA TRP C 224 20.42 -1.76 18.13
C TRP C 224 21.49 -1.73 17.06
N LYS C 225 22.74 -1.96 17.47
CA LYS C 225 23.86 -1.98 16.53
C LYS C 225 24.63 -3.26 16.75
N PRO C 226 24.57 -4.20 15.79
CA PRO C 226 25.33 -5.43 16.00
C PRO C 226 26.82 -5.13 16.05
N LYS C 227 27.58 -5.95 16.79
CA LYS C 227 29.00 -5.67 17.04
C LYS C 227 29.95 -6.69 16.43
N ASP C 228 29.48 -7.90 16.15
CA ASP C 228 30.37 -8.91 15.55
C ASP C 228 30.49 -8.78 14.03
N ASN C 229 31.51 -9.41 13.47
CA ASN C 229 31.83 -9.24 12.05
C ASN C 229 32.41 -10.52 11.48
N ALA C 230 31.68 -11.16 10.57
CA ALA C 230 32.14 -12.43 10.00
C ALA C 230 33.45 -12.29 9.22
N GLU C 231 33.77 -11.07 8.82
CA GLU C 231 34.93 -10.84 7.96
C GLU C 231 36.20 -11.36 8.64
N ALA C 232 36.22 -11.31 9.97
CA ALA C 232 37.33 -11.83 10.75
C ALA C 232 37.63 -13.31 10.49
N PHE C 233 36.65 -14.03 9.93
CA PHE C 233 36.82 -15.46 9.70
C PHE C 233 37.16 -15.82 8.26
N ARG C 234 37.35 -14.83 7.39
CA ARG C 234 37.55 -15.13 5.98
C ARG C 234 38.79 -15.99 5.73
N ARG C 235 39.90 -15.64 6.36
CA ARG C 235 41.14 -16.36 6.16
C ARG C 235 40.96 -17.81 6.59
N HIS C 236 40.43 -18.00 7.79
CA HIS C 236 40.19 -19.33 8.31
C HIS C 236 39.36 -20.17 7.34
N ILE C 237 38.28 -19.58 6.83
CA ILE C 237 37.41 -20.30 5.90
C ILE C 237 38.12 -20.69 4.60
N THR C 238 38.92 -19.80 4.05
CA THR C 238 39.69 -20.11 2.84
C THR C 238 40.71 -21.22 3.13
N GLU C 239 41.34 -21.16 4.31
CA GLU C 239 42.35 -22.14 4.70
C GLU C 239 41.77 -23.54 4.83
N THR C 240 40.53 -23.62 5.33
CA THR C 240 40.00 -24.87 5.85
C THR C 240 38.82 -25.45 5.07
N THR C 241 38.46 -24.83 3.96
CA THR C 241 37.35 -25.32 3.14
C THR C 241 37.66 -25.16 1.65
N PRO C 242 36.98 -25.95 0.80
CA PRO C 242 37.20 -25.91 -0.65
C PRO C 242 36.64 -24.64 -1.27
N PRO C 243 37.36 -24.04 -2.22
CA PRO C 243 36.86 -22.86 -2.91
C PRO C 243 35.51 -23.19 -3.55
N PRO C 244 34.53 -22.29 -3.42
CA PRO C 244 33.23 -22.56 -4.03
C PRO C 244 33.35 -22.49 -5.55
N ASP C 245 32.60 -23.36 -6.24
CA ASP C 245 32.44 -23.25 -7.67
C ASP C 245 31.52 -22.06 -7.93
N PRO C 246 31.90 -21.17 -8.85
CA PRO C 246 31.05 -20.00 -9.14
C PRO C 246 29.63 -20.36 -9.57
N ASN C 247 29.41 -21.60 -10.01
CA ASN C 247 28.08 -22.04 -10.43
C ASN C 247 27.22 -22.56 -9.27
N ASP C 248 27.85 -22.73 -8.11
CA ASP C 248 27.18 -23.25 -6.92
C ASP C 248 26.12 -22.28 -6.38
N ALA C 249 24.93 -22.79 -6.07
CA ALA C 249 23.89 -21.97 -5.46
C ALA C 249 24.42 -21.28 -4.21
N LEU C 250 25.33 -21.93 -3.51
CA LEU C 250 25.92 -21.39 -2.30
C LEU C 250 26.46 -19.97 -2.46
N VAL C 251 26.98 -19.64 -3.65
CA VAL C 251 27.54 -18.32 -3.89
C VAL C 251 26.76 -17.52 -4.94
N ARG C 252 25.55 -17.97 -5.29
CA ARG C 252 24.74 -17.28 -6.28
C ARG C 252 23.42 -16.73 -5.74
N PHE C 253 22.78 -17.46 -4.84
CA PHE C 253 21.47 -17.05 -4.32
C PHE C 253 21.53 -16.80 -2.83
N GLN C 254 20.76 -15.83 -2.36
CA GLN C 254 20.80 -15.49 -0.96
C GLN C 254 20.36 -16.65 -0.07
N GLY C 255 19.48 -17.50 -0.59
CA GLY C 255 19.04 -18.68 0.14
C GLY C 255 20.01 -19.85 0.05
N GLY C 256 21.09 -19.67 -0.71
CA GLY C 256 22.08 -20.73 -0.84
C GLY C 256 21.50 -21.97 -1.49
N THR C 257 21.87 -23.14 -0.97
CA THR C 257 21.45 -24.42 -1.52
C THR C 257 19.95 -24.71 -1.42
N PHE C 258 19.21 -23.93 -0.64
CA PHE C 258 17.76 -24.12 -0.60
C PHE C 258 17.10 -23.98 -1.97
N VAL C 259 17.65 -23.14 -2.85
CA VAL C 259 17.04 -22.99 -4.18
C VAL C 259 17.09 -24.30 -4.96
N ASP C 260 18.06 -25.15 -4.62
CA ASP C 260 18.21 -26.44 -5.29
C ASP C 260 17.29 -27.54 -4.72
N ASN C 261 16.65 -27.27 -3.57
CA ASN C 261 15.74 -28.27 -2.99
C ASN C 261 14.57 -28.54 -3.92
N PRO C 262 14.17 -29.81 -4.02
CA PRO C 262 12.89 -30.11 -4.69
C PRO C 262 11.77 -29.87 -3.70
N ILE C 263 10.52 -30.09 -4.14
CA ILE C 263 9.41 -30.17 -3.21
C ILE C 263 9.44 -31.56 -2.58
N PHE C 264 9.74 -31.65 -1.29
CA PHE C 264 9.84 -32.94 -0.63
C PHE C 264 8.46 -33.53 -0.35
N LYS C 265 8.33 -34.84 -0.51
CA LYS C 265 7.03 -35.50 -0.31
C LYS C 265 7.06 -36.45 0.88
N GLN C 266 5.90 -36.63 1.50
CA GLN C 266 5.76 -37.53 2.64
C GLN C 266 5.80 -38.98 2.18
#